data_3QLL
#
_entry.id   3QLL
#
_cell.length_a   88.056
_cell.length_b   88.056
_cell.length_c   197.021
_cell.angle_alpha   90.00
_cell.angle_beta   90.00
_cell.angle_gamma   120.00
#
_symmetry.space_group_name_H-M   'P 31 2 1'
#
loop_
_entity.id
_entity.type
_entity.pdbx_description
1 polymer 'Citrate lyase'
2 water water
#
_entity_poly.entity_id   1
_entity_poly.type   'polypeptide(L)'
_entity_poly.pdbx_seq_one_letter_code
;(MSE)GSSHHHHHHSSGLVPRGSH(MSE)AS(MSE)TGGQQ(MSE)GRGSEF(MSE)SNLDTYQTRSWLFTPATRSDRFA
KAAENGADVAIIDLEDSVSQADKEQARQKAISYLSSRPATSLPLALRINGLDTRAGIEDIHALLECGSLPDYLVLPKTES
AAHLQILDRL(MSE)(MSE)FAGSDTRLIGIIESVRGLNAVESIAAATPKLAGLIFGAAD(MSE)AADIGAASTWEPLAL
ARARLVSACA(MSE)NGIPAIDAPFFDVHDVSGLQSETLRASDFGFSAKAAIHPAQISTINTLFTPTAAEIRHARAVLAE
NTKGVGTVNG(MSE)(MSE)IDEAVARQARRVLTRAGISA
;
_entity_poly.pdbx_strand_id   A,B,C
#
# COMPACT_ATOMS: atom_id res chain seq x y z
N ASP A 41 17.74 -0.78 -25.23
CA ASP A 41 16.57 -0.27 -24.52
C ASP A 41 16.03 -1.28 -23.49
N THR A 42 16.02 -0.87 -22.23
CA THR A 42 15.74 -1.75 -21.09
C THR A 42 14.33 -2.35 -21.12
N TYR A 43 13.38 -1.58 -21.66
CA TYR A 43 11.97 -1.99 -21.74
C TYR A 43 11.81 -3.28 -22.60
N GLN A 44 12.65 -3.39 -23.62
CA GLN A 44 12.64 -4.54 -24.51
C GLN A 44 13.02 -5.84 -23.81
N THR A 45 13.90 -5.75 -22.80
CA THR A 45 14.38 -6.93 -22.06
C THR A 45 13.26 -7.62 -21.28
N ARG A 46 13.31 -8.94 -21.20
CA ARG A 46 12.28 -9.73 -20.53
C ARG A 46 12.92 -10.58 -19.43
N SER A 47 14.11 -11.10 -19.70
CA SER A 47 14.83 -12.00 -18.79
C SER A 47 16.19 -11.47 -18.36
N TRP A 48 16.42 -11.46 -17.07
CA TRP A 48 17.72 -11.11 -16.52
C TRP A 48 18.29 -12.28 -15.73
N LEU A 49 19.39 -12.84 -16.19
CA LEU A 49 19.95 -14.05 -15.58
C LEU A 49 21.16 -13.74 -14.73
N PHE A 50 21.07 -14.08 -13.44
CA PHE A 50 22.19 -13.97 -12.52
C PHE A 50 23.10 -15.17 -12.72
N THR A 51 24.37 -14.93 -13.03
CA THR A 51 25.35 -15.99 -12.93
C THR A 51 26.59 -15.51 -12.17
N PRO A 52 27.03 -16.32 -11.18
CA PRO A 52 28.18 -16.02 -10.34
C PRO A 52 29.42 -15.90 -11.20
N ALA A 53 30.34 -15.03 -10.81
CA ALA A 53 31.52 -14.83 -11.63
C ALA A 53 32.25 -16.16 -11.70
N THR A 54 32.25 -16.90 -10.60
CA THR A 54 32.85 -18.24 -10.55
C THR A 54 32.13 -19.23 -11.50
N ARG A 55 32.91 -20.03 -12.23
CA ARG A 55 32.49 -20.94 -13.32
C ARG A 55 33.55 -21.00 -14.43
N GLY A 66 18.18 -18.67 -23.78
CA GLY A 66 18.88 -17.43 -24.11
C GLY A 66 18.42 -16.17 -23.37
N ALA A 67 19.08 -15.83 -22.25
CA ALA A 67 18.67 -14.67 -21.48
C ALA A 67 18.85 -13.38 -22.27
N ASP A 68 17.95 -12.42 -22.06
CA ASP A 68 18.08 -11.16 -22.77
C ASP A 68 19.22 -10.34 -22.22
N VAL A 69 19.43 -10.46 -20.92
CA VAL A 69 20.57 -9.80 -20.28
C VAL A 69 21.15 -10.78 -19.28
N ALA A 70 22.48 -10.92 -19.32
CA ALA A 70 23.21 -11.71 -18.34
C ALA A 70 23.77 -10.81 -17.25
N ILE A 71 23.58 -11.22 -16.01
CA ILE A 71 24.15 -10.50 -14.89
C ILE A 71 25.29 -11.26 -14.22
N ILE A 72 26.51 -10.77 -14.44
CA ILE A 72 27.63 -11.32 -13.72
C ILE A 72 27.55 -10.88 -12.28
N ASP A 73 27.53 -11.85 -11.38
CA ASP A 73 27.23 -11.56 -9.98
C ASP A 73 28.46 -11.69 -9.11
N LEU A 74 28.76 -10.61 -8.39
CA LEU A 74 29.85 -10.60 -7.41
C LEU A 74 29.34 -10.77 -5.99
N GLU A 75 28.03 -10.80 -5.79
CA GLU A 75 27.48 -10.71 -4.44
C GLU A 75 27.13 -12.08 -3.85
N ASP A 76 25.83 -12.33 -3.69
CA ASP A 76 25.34 -13.37 -2.77
C ASP A 76 25.62 -14.78 -3.24
N SER A 77 25.89 -14.93 -4.53
CA SER A 77 26.26 -16.23 -5.07
C SER A 77 27.76 -16.51 -4.84
N VAL A 78 28.54 -15.44 -4.71
CA VAL A 78 29.97 -15.54 -4.47
C VAL A 78 30.27 -15.53 -2.96
N SER A 79 31.03 -16.52 -2.49
CA SER A 79 31.46 -16.55 -1.10
C SER A 79 32.35 -15.37 -0.79
N GLN A 80 32.54 -15.07 0.49
CA GLN A 80 33.38 -13.95 0.88
C GLN A 80 34.85 -14.20 0.52
N ALA A 81 35.27 -15.47 0.58
CA ALA A 81 36.66 -15.78 0.26
C ALA A 81 36.94 -15.61 -1.23
N ASP A 82 35.89 -15.66 -2.03
CA ASP A 82 36.01 -15.72 -3.47
C ASP A 82 35.86 -14.32 -4.15
N LYS A 83 35.67 -13.29 -3.35
CA LYS A 83 35.33 -11.94 -3.84
C LYS A 83 36.47 -11.38 -4.71
N GLU A 84 37.71 -11.57 -4.28
CA GLU A 84 38.84 -11.09 -5.07
C GLU A 84 38.96 -11.90 -6.36
N GLN A 85 38.92 -13.21 -6.21
CA GLN A 85 38.89 -14.12 -7.35
C GLN A 85 37.80 -13.68 -8.35
N ALA A 86 36.53 -13.67 -7.90
CA ALA A 86 35.34 -13.38 -8.75
C ALA A 86 35.43 -12.01 -9.40
N ARG A 87 35.95 -11.07 -8.63
CA ARG A 87 36.17 -9.70 -9.07
C ARG A 87 36.97 -9.62 -10.37
N GLN A 88 38.20 -10.12 -10.36
CA GLN A 88 39.10 -9.94 -11.51
C GLN A 88 38.78 -10.70 -12.83
N LYS A 89 38.20 -11.87 -12.73
CA LYS A 89 37.60 -12.48 -13.92
C LYS A 89 36.61 -11.58 -14.67
N ALA A 90 35.66 -11.05 -13.89
CA ALA A 90 34.65 -10.22 -14.47
C ALA A 90 35.30 -9.01 -15.14
N ILE A 91 36.30 -8.42 -14.49
CA ILE A 91 37.01 -7.31 -15.10
C ILE A 91 37.62 -7.67 -16.47
N SER A 92 38.08 -8.93 -16.63
CA SER A 92 38.54 -9.47 -17.93
C SER A 92 37.43 -9.67 -18.95
N LEU A 102 25.58 -8.72 -27.34
CA LEU A 102 24.58 -9.02 -26.32
C LEU A 102 24.92 -8.28 -25.03
N PRO A 103 23.93 -7.58 -24.45
CA PRO A 103 24.15 -6.64 -23.34
C PRO A 103 24.50 -7.35 -22.03
N LEU A 104 25.38 -6.72 -21.25
CA LEU A 104 25.95 -7.36 -20.10
C LEU A 104 25.71 -6.53 -18.85
N ALA A 105 25.35 -7.19 -17.76
CA ALA A 105 25.12 -6.48 -16.49
C ALA A 105 26.14 -6.96 -15.46
N LEU A 106 26.49 -6.08 -14.53
CA LEU A 106 27.34 -6.51 -13.42
C LEU A 106 26.75 -6.10 -12.08
N ARG A 107 26.39 -7.07 -11.25
CA ARG A 107 26.03 -6.76 -9.90
C ARG A 107 27.23 -6.79 -8.98
N ILE A 108 27.62 -5.61 -8.51
CA ILE A 108 28.72 -5.51 -7.54
C ILE A 108 28.17 -5.74 -6.17
N ASN A 109 29.07 -5.83 -5.21
CA ASN A 109 28.65 -5.90 -3.83
C ASN A 109 28.16 -4.55 -3.29
N GLY A 110 27.45 -4.57 -2.17
CA GLY A 110 26.91 -3.33 -1.63
C GLY A 110 27.95 -2.25 -1.37
N LEU A 111 27.54 -1.00 -1.58
CA LEU A 111 28.37 0.18 -1.30
C LEU A 111 28.80 0.24 0.15
N ASP A 112 27.99 -0.35 1.01
CA ASP A 112 28.31 -0.37 2.42
C ASP A 112 29.13 -1.63 2.79
N THR A 113 29.67 -2.36 1.79
CA THR A 113 30.63 -3.46 2.06
C THR A 113 32.07 -3.16 1.54
N ARG A 114 33.06 -3.65 2.27
CA ARG A 114 34.44 -3.58 1.81
C ARG A 114 34.57 -4.22 0.42
N ALA A 115 33.88 -5.32 0.19
CA ALA A 115 33.83 -5.91 -1.14
C ALA A 115 33.40 -4.90 -2.23
N GLY A 116 32.33 -4.14 -1.97
CA GLY A 116 31.80 -3.19 -2.94
C GLY A 116 32.72 -2.04 -3.26
N ILE A 117 33.39 -1.51 -2.24
CA ILE A 117 34.44 -0.49 -2.48
C ILE A 117 35.54 -1.02 -3.40
N GLU A 118 36.07 -2.19 -3.08
CA GLU A 118 37.09 -2.86 -3.91
C GLU A 118 36.60 -3.10 -5.34
N ASP A 119 35.39 -3.62 -5.48
CA ASP A 119 34.79 -3.85 -6.78
C ASP A 119 34.78 -2.54 -7.59
N ILE A 120 34.38 -1.46 -6.95
CA ILE A 120 34.33 -0.16 -7.61
C ILE A 120 35.74 0.32 -7.95
N HIS A 121 36.66 0.14 -7.02
CA HIS A 121 38.07 0.49 -7.26
C HIS A 121 38.61 -0.24 -8.49
N ALA A 122 38.44 -1.55 -8.48
CA ALA A 122 38.87 -2.36 -9.62
C ALA A 122 38.23 -1.87 -10.93
N LEU A 123 36.93 -1.60 -10.90
CA LEU A 123 36.22 -1.09 -12.08
C LEU A 123 36.82 0.22 -12.62
N LEU A 124 37.08 1.15 -11.72
CA LEU A 124 37.55 2.47 -12.11
C LEU A 124 38.99 2.44 -12.65
N GLU A 125 39.75 1.43 -12.23
CA GLU A 125 41.15 1.29 -12.65
C GLU A 125 41.30 0.65 -14.04
N CYS A 126 40.83 -0.59 -14.19
CA CYS A 126 41.06 -1.35 -15.42
C CYS A 126 40.17 -0.90 -16.56
N GLY A 127 39.48 0.24 -16.39
CA GLY A 127 38.90 0.94 -17.51
C GLY A 127 37.53 0.47 -17.99
N SER A 128 37.22 -0.81 -17.75
CA SER A 128 36.16 -1.50 -18.47
C SER A 128 34.87 -1.57 -17.67
N LEU A 129 33.76 -1.23 -18.30
CA LEU A 129 32.49 -1.10 -17.60
C LEU A 129 31.39 -1.86 -18.32
N PRO A 130 30.49 -2.48 -17.52
CA PRO A 130 29.35 -3.21 -18.12
C PRO A 130 28.32 -2.24 -18.64
N ASP A 131 27.40 -2.72 -19.46
CA ASP A 131 26.31 -1.89 -19.91
C ASP A 131 25.38 -1.50 -18.76
N TYR A 132 25.23 -2.40 -17.79
CA TYR A 132 24.38 -2.19 -16.64
C TYR A 132 25.16 -2.48 -15.39
N LEU A 133 25.18 -1.52 -14.47
CA LEU A 133 25.75 -1.75 -13.18
C LEU A 133 24.61 -1.98 -12.20
N VAL A 134 24.53 -3.17 -11.63
CA VAL A 134 23.44 -3.53 -10.74
C VAL A 134 23.86 -3.37 -9.29
N LEU A 135 23.20 -2.46 -8.57
CA LEU A 135 23.57 -2.15 -7.21
C LEU A 135 22.58 -2.77 -6.20
N PRO A 136 23.07 -3.70 -5.35
CA PRO A 136 22.25 -4.34 -4.32
C PRO A 136 21.92 -3.39 -3.20
N LYS A 137 20.83 -3.69 -2.52
CA LYS A 137 20.43 -2.93 -1.35
C LYS A 137 20.41 -1.42 -1.60
N THR A 138 19.82 -0.99 -2.70
CA THR A 138 19.66 0.43 -2.98
C THR A 138 18.63 1.01 -2.02
N GLU A 139 19.05 1.99 -1.22
CA GLU A 139 18.22 2.44 -0.09
C GLU A 139 17.95 3.93 -0.10
N SER A 140 18.47 4.63 -1.11
CA SER A 140 18.30 6.07 -1.18
C SER A 140 18.65 6.52 -2.56
N ALA A 141 18.28 7.76 -2.85
CA ALA A 141 18.59 8.35 -4.12
C ALA A 141 20.11 8.60 -4.25
N ALA A 142 20.73 8.89 -3.10
CA ALA A 142 22.15 9.14 -3.04
C ALA A 142 22.94 7.88 -3.42
N HIS A 143 22.38 6.70 -3.13
CA HIS A 143 23.09 5.45 -3.55
C HIS A 143 23.37 5.45 -5.02
N LEU A 144 22.35 5.80 -5.78
CA LEU A 144 22.43 5.81 -7.22
C LEU A 144 23.24 7.03 -7.71
N GLN A 145 23.12 8.16 -7.03
CA GLN A 145 23.83 9.35 -7.51
C GLN A 145 25.34 9.26 -7.34
N ILE A 146 25.74 8.62 -6.25
CA ILE A 146 27.13 8.30 -5.98
C ILE A 146 27.75 7.46 -7.09
N LEU A 147 27.08 6.36 -7.43
CA LEU A 147 27.50 5.51 -8.55
C LEU A 147 27.57 6.26 -9.86
N ASP A 148 26.51 7.04 -10.13
CA ASP A 148 26.43 7.90 -11.29
C ASP A 148 27.68 8.80 -11.41
N ARG A 149 27.99 9.57 -10.36
CA ARG A 149 29.17 10.45 -10.38
C ARG A 149 30.50 9.68 -10.49
N LEU A 150 30.59 8.54 -9.82
CA LEU A 150 31.80 7.74 -9.91
C LEU A 150 32.11 7.29 -11.33
N MSE A 151 31.08 7.00 -12.10
CA MSE A 151 31.29 6.54 -13.45
C MSE A 151 31.05 7.56 -14.55
O MSE A 151 30.97 7.20 -15.73
CB MSE A 151 30.46 5.27 -13.66
CG MSE A 151 31.09 4.11 -12.93
SE MSE A 151 29.97 2.63 -13.15
CE MSE A 151 28.33 3.45 -12.51
N MSE A 152 30.95 8.83 -14.18
CA MSE A 152 30.76 9.90 -15.15
C MSE A 152 31.99 9.99 -16.07
O MSE A 152 31.86 10.26 -17.26
CB MSE A 152 30.51 11.25 -14.45
N PHE A 153 33.18 9.78 -15.49
CA PHE A 153 34.37 9.52 -16.31
C PHE A 153 34.55 8.02 -16.53
N ALA A 154 35.16 7.66 -17.67
CA ALA A 154 35.15 6.29 -18.18
C ALA A 154 33.74 5.83 -18.56
N ASP A 157 28.61 5.86 -20.63
CA ASP A 157 27.53 5.16 -21.34
C ASP A 157 26.93 4.05 -20.48
N THR A 158 27.39 3.93 -19.24
CA THR A 158 26.95 2.85 -18.38
C THR A 158 25.69 3.24 -17.60
N ARG A 159 24.67 2.41 -17.69
CA ARG A 159 23.42 2.69 -17.03
C ARG A 159 23.29 1.88 -15.75
N LEU A 160 22.42 2.36 -14.84
CA LEU A 160 22.28 1.76 -13.53
C LEU A 160 21.01 0.96 -13.37
N ILE A 161 21.09 -0.08 -12.57
CA ILE A 161 19.92 -0.79 -12.11
C ILE A 161 19.99 -0.90 -10.58
N GLY A 162 18.97 -0.43 -9.88
CA GLY A 162 18.94 -0.53 -8.43
C GLY A 162 18.11 -1.73 -7.99
N ILE A 163 18.50 -2.37 -6.89
CA ILE A 163 17.68 -3.45 -6.32
C ILE A 163 16.99 -2.94 -5.06
N ILE A 164 15.66 -3.05 -5.04
CA ILE A 164 14.88 -2.71 -3.88
C ILE A 164 14.63 -4.02 -3.10
N GLU A 165 15.41 -4.25 -2.05
CA GLU A 165 15.30 -5.49 -1.28
C GLU A 165 15.08 -5.25 0.23
N SER A 166 14.86 -4.01 0.65
CA SER A 166 14.71 -3.72 2.08
C SER A 166 13.56 -2.76 2.39
N VAL A 167 13.04 -2.80 3.61
CA VAL A 167 12.03 -1.84 4.04
C VAL A 167 12.50 -0.38 3.84
N ARG A 168 13.74 -0.09 4.22
CA ARG A 168 14.27 1.25 4.01
C ARG A 168 14.27 1.66 2.51
N GLY A 169 14.69 0.75 1.63
CA GLY A 169 14.63 0.98 0.21
C GLY A 169 13.20 1.18 -0.29
N LEU A 170 12.28 0.33 0.15
CA LEU A 170 10.89 0.45 -0.26
C LEU A 170 10.27 1.80 0.15
N ASN A 171 10.53 2.24 1.39
CA ASN A 171 9.99 3.52 1.86
C ASN A 171 10.55 4.74 1.10
N ALA A 172 11.71 4.56 0.47
CA ALA A 172 12.29 5.64 -0.31
C ALA A 172 12.16 5.37 -1.80
N VAL A 173 11.30 4.43 -2.21
CA VAL A 173 11.33 3.96 -3.60
C VAL A 173 10.99 5.09 -4.61
N GLU A 174 10.11 5.99 -4.22
CA GLU A 174 9.76 7.11 -5.07
C GLU A 174 10.99 7.98 -5.34
N SER A 175 11.76 8.29 -4.31
CA SER A 175 12.92 9.13 -4.53
C SER A 175 14.06 8.42 -5.25
N ILE A 176 14.25 7.10 -5.03
CA ILE A 176 15.23 6.27 -5.75
C ILE A 176 14.96 6.19 -7.27
N ALA A 177 13.70 5.94 -7.62
CA ALA A 177 13.28 5.83 -9.03
C ALA A 177 13.44 7.14 -9.79
N ALA A 178 13.52 8.25 -9.05
CA ALA A 178 13.64 9.58 -9.65
C ALA A 178 15.09 10.10 -9.48
N ALA A 179 15.99 9.23 -9.02
CA ALA A 179 17.32 9.70 -8.55
C ALA A 179 18.24 10.29 -9.63
N THR A 180 18.30 9.62 -10.77
CA THR A 180 19.14 10.05 -11.89
C THR A 180 18.63 9.47 -13.21
N PRO A 181 18.81 10.19 -14.33
CA PRO A 181 18.45 9.75 -15.71
C PRO A 181 19.19 8.47 -16.07
N LYS A 182 20.36 8.28 -15.48
CA LYS A 182 21.11 7.07 -15.75
C LYS A 182 20.47 5.77 -15.23
N LEU A 183 19.54 5.89 -14.28
CA LEU A 183 18.78 4.74 -13.79
C LEU A 183 17.90 4.19 -14.90
N ALA A 184 18.02 2.90 -15.19
CA ALA A 184 17.33 2.29 -16.32
C ALA A 184 16.29 1.23 -15.93
N GLY A 185 16.10 1.03 -14.64
CA GLY A 185 15.18 0.02 -14.14
C GLY A 185 15.49 -0.37 -12.71
N LEU A 186 14.50 -0.96 -12.06
CA LEU A 186 14.65 -1.45 -10.70
C LEU A 186 14.24 -2.95 -10.62
N ILE A 187 15.05 -3.74 -9.94
CA ILE A 187 14.75 -5.12 -9.67
C ILE A 187 14.16 -5.24 -8.24
N PHE A 188 13.11 -6.04 -8.08
CA PHE A 188 12.57 -6.35 -6.75
C PHE A 188 13.38 -7.45 -6.13
N GLY A 189 13.78 -7.28 -4.88
CA GLY A 189 14.48 -8.38 -4.23
C GLY A 189 13.56 -9.03 -3.20
N ALA A 190 12.68 -9.93 -3.65
CA ALA A 190 11.65 -10.54 -2.79
C ALA A 190 12.24 -11.27 -1.58
N ALA A 191 13.27 -12.08 -1.77
CA ALA A 191 13.80 -12.91 -0.66
C ALA A 191 14.37 -12.03 0.48
N ASP A 192 15.13 -10.98 0.16
CA ASP A 192 15.61 -10.08 1.22
C ASP A 192 14.52 -9.20 1.84
N MSE A 193 13.59 -8.76 0.99
CA MSE A 193 12.42 -7.97 1.39
C MSE A 193 11.57 -8.75 2.42
O MSE A 193 11.28 -8.24 3.50
CB MSE A 193 11.58 -7.59 0.16
CG MSE A 193 10.37 -6.63 0.47
SE MSE A 193 11.15 -4.92 1.06
CE MSE A 193 11.62 -4.17 -0.73
N ALA A 194 11.23 -10.00 2.10
CA ALA A 194 10.50 -10.87 3.03
C ALA A 194 11.27 -11.08 4.34
N ALA A 195 12.58 -11.28 4.22
CA ALA A 195 13.41 -11.50 5.40
C ALA A 195 13.51 -10.24 6.24
N ASP A 196 13.62 -9.08 5.61
CA ASP A 196 13.73 -7.78 6.31
C ASP A 196 12.42 -7.46 7.05
N ILE A 197 11.31 -7.87 6.47
CA ILE A 197 9.99 -7.63 7.03
C ILE A 197 9.69 -8.72 8.08
N GLY A 198 10.29 -9.90 7.92
CA GLY A 198 9.96 -11.02 8.78
C GLY A 198 8.79 -11.79 8.21
N ALA A 199 8.56 -11.61 6.91
CA ALA A 199 7.42 -12.22 6.22
C ALA A 199 7.85 -13.43 5.39
N ALA A 200 6.86 -14.20 4.92
CA ALA A 200 7.12 -15.29 3.94
C ALA A 200 7.38 -14.69 2.56
N SER A 201 8.12 -15.41 1.72
CA SER A 201 8.45 -15.03 0.34
C SER A 201 7.30 -15.07 -0.66
N THR A 202 6.19 -15.66 -0.25
CA THR A 202 5.02 -15.79 -1.12
C THR A 202 4.45 -14.42 -1.59
N TRP A 203 3.74 -14.48 -2.72
CA TRP A 203 3.12 -13.31 -3.35
C TRP A 203 2.40 -12.30 -2.42
N GLU A 204 1.47 -12.82 -1.62
CA GLU A 204 0.52 -11.99 -0.85
C GLU A 204 1.21 -11.06 0.15
N PRO A 205 2.14 -11.60 0.99
CA PRO A 205 2.81 -10.71 1.95
C PRO A 205 3.65 -9.61 1.31
N LEU A 206 4.00 -9.77 0.04
CA LEU A 206 4.85 -8.87 -0.69
C LEU A 206 4.09 -8.05 -1.76
N ALA A 207 2.78 -8.26 -1.88
CA ALA A 207 2.01 -7.62 -2.93
C ALA A 207 2.04 -6.09 -2.84
N LEU A 208 1.94 -5.58 -1.61
CA LEU A 208 1.97 -4.12 -1.40
C LEU A 208 3.31 -3.54 -1.83
N ALA A 209 4.39 -4.25 -1.51
CA ALA A 209 5.74 -3.83 -1.87
C ALA A 209 5.94 -3.80 -3.37
N ARG A 210 5.42 -4.81 -4.06
CA ARG A 210 5.60 -4.93 -5.52
C ARG A 210 4.79 -3.84 -6.23
N ALA A 211 3.56 -3.58 -5.77
CA ALA A 211 2.74 -2.58 -6.41
C ALA A 211 3.39 -1.20 -6.25
N ARG A 212 3.96 -0.92 -5.08
CA ARG A 212 4.65 0.34 -4.83
C ARG A 212 5.91 0.46 -5.70
N LEU A 213 6.61 -0.65 -5.91
CA LEU A 213 7.78 -0.59 -6.77
C LEU A 213 7.40 -0.28 -8.22
N VAL A 214 6.42 -1.00 -8.75
CA VAL A 214 5.98 -0.82 -10.14
C VAL A 214 5.50 0.63 -10.36
N SER A 215 4.69 1.14 -9.44
CA SER A 215 4.21 2.52 -9.53
C SER A 215 5.35 3.57 -9.65
N ALA A 216 6.39 3.42 -8.85
CA ALA A 216 7.54 4.32 -8.83
C ALA A 216 8.30 4.25 -10.15
N CYS A 217 8.46 3.04 -10.67
CA CYS A 217 9.06 2.81 -11.99
C CYS A 217 8.30 3.49 -13.11
N ALA A 218 6.98 3.24 -13.17
CA ALA A 218 6.08 3.76 -14.21
C ALA A 218 6.07 5.27 -14.27
N MSE A 219 6.17 5.87 -13.09
CA MSE A 219 6.23 7.30 -12.89
C MSE A 219 7.52 7.93 -13.46
O MSE A 219 7.56 9.09 -13.84
CB MSE A 219 6.22 7.49 -11.38
CG MSE A 219 6.61 8.85 -10.95
SE MSE A 219 4.97 9.85 -11.05
CE MSE A 219 4.69 10.11 -9.16
N ASN A 220 8.58 7.14 -13.51
CA ASN A 220 9.88 7.65 -13.95
C ASN A 220 10.32 7.10 -15.30
N GLY A 221 9.42 6.37 -15.95
CA GLY A 221 9.65 5.91 -17.30
C GLY A 221 10.66 4.76 -17.35
N ILE A 222 10.73 3.96 -16.28
CA ILE A 222 11.64 2.79 -16.29
C ILE A 222 10.90 1.48 -16.01
N PRO A 223 11.43 0.36 -16.52
CA PRO A 223 10.79 -0.92 -16.26
C PRO A 223 11.01 -1.40 -14.83
N ALA A 224 10.01 -2.08 -14.28
CA ALA A 224 10.14 -2.83 -13.03
C ALA A 224 10.52 -4.25 -13.37
N ILE A 225 11.56 -4.76 -12.72
CA ILE A 225 11.97 -6.12 -12.96
C ILE A 225 11.71 -7.02 -11.77
N ASP A 226 10.89 -8.05 -11.97
CA ASP A 226 10.53 -8.92 -10.87
C ASP A 226 11.71 -9.77 -10.36
N ALA A 227 11.60 -10.11 -9.08
CA ALA A 227 12.48 -11.01 -8.37
C ALA A 227 12.57 -12.36 -9.08
N PRO A 228 13.70 -13.04 -8.89
CA PRO A 228 13.82 -14.43 -9.36
C PRO A 228 12.92 -15.36 -8.55
N PHE A 229 12.41 -16.40 -9.21
CA PHE A 229 11.64 -17.41 -8.50
C PHE A 229 12.63 -18.46 -8.05
N PHE A 230 12.57 -18.81 -6.78
CA PHE A 230 13.55 -19.69 -6.14
C PHE A 230 13.51 -21.16 -6.63
N ASP A 231 12.36 -21.80 -6.61
CA ASP A 231 12.26 -23.22 -6.95
C ASP A 231 12.43 -23.48 -8.46
N VAL A 232 13.57 -24.03 -8.83
CA VAL A 232 13.85 -24.39 -10.22
C VAL A 232 12.99 -25.56 -10.70
N HIS A 233 12.53 -26.39 -9.77
CA HIS A 233 11.78 -27.58 -10.11
C HIS A 233 10.29 -27.30 -10.26
N ASP A 234 9.81 -26.26 -9.58
CA ASP A 234 8.41 -25.88 -9.66
C ASP A 234 8.15 -24.93 -10.83
N VAL A 235 8.13 -25.49 -12.02
CA VAL A 235 7.82 -24.73 -13.25
C VAL A 235 6.41 -24.07 -13.22
N SER A 236 5.43 -24.75 -12.63
CA SER A 236 4.11 -24.15 -12.42
C SER A 236 4.22 -22.85 -11.58
N GLY A 237 4.92 -22.88 -10.45
CA GLY A 237 5.09 -21.69 -9.63
C GLY A 237 5.77 -20.55 -10.34
N LEU A 238 6.71 -20.88 -11.21
CA LEU A 238 7.42 -19.88 -11.98
C LEU A 238 6.48 -19.19 -12.97
N GLN A 239 5.67 -19.98 -13.66
CA GLN A 239 4.69 -19.49 -14.62
C GLN A 239 3.64 -18.56 -14.00
N SER A 240 3.10 -19.01 -12.88
CA SER A 240 2.11 -18.29 -12.13
C SER A 240 2.66 -16.92 -11.64
N GLU A 241 3.85 -16.93 -11.02
CA GLU A 241 4.48 -15.70 -10.50
C GLU A 241 4.77 -14.73 -11.63
N THR A 242 5.27 -15.27 -12.75
CA THR A 242 5.59 -14.44 -13.91
C THR A 242 4.36 -13.71 -14.48
N LEU A 243 3.26 -14.43 -14.61
CA LEU A 243 2.00 -13.86 -15.06
C LEU A 243 1.43 -12.79 -14.11
N ARG A 244 1.45 -13.10 -12.81
CA ARG A 244 1.04 -12.14 -11.78
C ARG A 244 1.87 -10.86 -11.87
N ALA A 245 3.19 -11.03 -12.07
CA ALA A 245 4.09 -9.88 -12.18
C ALA A 245 3.76 -9.06 -13.43
N SER A 246 3.52 -9.77 -14.50
CA SER A 246 3.15 -9.12 -15.74
C SER A 246 1.85 -8.33 -15.55
N ASP A 247 0.88 -8.94 -14.88
CA ASP A 247 -0.39 -8.28 -14.60
C ASP A 247 -0.23 -7.06 -13.72
N PHE A 248 0.70 -7.17 -12.78
CA PHE A 248 1.00 -6.05 -11.88
C PHE A 248 1.65 -4.84 -12.59
N GLY A 249 2.25 -5.11 -13.77
CA GLY A 249 2.97 -4.10 -14.54
C GLY A 249 4.49 -4.20 -14.64
N PHE A 250 5.07 -5.25 -14.08
CA PHE A 250 6.47 -5.65 -14.34
C PHE A 250 6.67 -5.96 -15.85
N SER A 251 7.83 -5.57 -16.38
CA SER A 251 8.12 -5.72 -17.81
C SER A 251 9.07 -6.87 -17.99
N ALA A 252 9.65 -7.33 -16.89
CA ALA A 252 10.67 -8.37 -16.96
C ALA A 252 10.78 -9.07 -15.65
N LYS A 253 11.50 -10.17 -15.64
CA LYS A 253 11.69 -10.95 -14.42
C LYS A 253 13.11 -11.56 -14.40
N ALA A 254 13.74 -11.51 -13.22
CA ALA A 254 15.06 -12.09 -13.03
C ALA A 254 14.99 -13.60 -12.92
N ALA A 255 16.17 -14.22 -12.95
CA ALA A 255 16.23 -15.66 -12.97
C ALA A 255 17.55 -16.07 -12.34
N ILE A 256 17.60 -17.28 -11.81
CA ILE A 256 18.81 -17.72 -11.12
C ILE A 256 19.23 -19.05 -11.70
N HIS A 257 18.57 -19.46 -12.78
CA HIS A 257 18.91 -20.69 -13.49
C HIS A 257 18.41 -20.64 -14.94
N PRO A 258 19.25 -21.01 -15.92
CA PRO A 258 18.92 -20.92 -17.35
C PRO A 258 17.65 -21.69 -17.77
N ALA A 259 17.24 -22.69 -17.00
CA ALA A 259 16.00 -23.42 -17.27
C ALA A 259 14.74 -22.54 -17.19
N GLN A 260 14.85 -21.45 -16.42
CA GLN A 260 13.72 -20.57 -16.23
C GLN A 260 13.57 -19.61 -17.40
N ILE A 261 14.64 -19.46 -18.17
CA ILE A 261 14.71 -18.39 -19.17
C ILE A 261 13.64 -18.45 -20.25
N SER A 262 13.43 -19.64 -20.82
CA SER A 262 12.49 -19.78 -21.92
C SER A 262 11.07 -19.49 -21.43
N THR A 263 10.72 -19.99 -20.25
CA THR A 263 9.42 -19.70 -19.65
C THR A 263 9.18 -18.19 -19.48
N ILE A 264 10.18 -17.49 -18.96
CA ILE A 264 10.06 -16.07 -18.70
C ILE A 264 9.97 -15.30 -20.04
N ASN A 265 10.83 -15.66 -21.00
CA ASN A 265 10.79 -15.05 -22.32
C ASN A 265 9.45 -15.14 -23.01
N THR A 266 8.92 -16.36 -23.04
CA THR A 266 7.65 -16.62 -23.70
C THR A 266 6.51 -15.83 -23.11
N LEU A 267 6.41 -15.83 -21.78
CA LEU A 267 5.28 -15.21 -21.07
C LEU A 267 5.29 -13.66 -21.15
N PHE A 268 6.46 -13.08 -21.38
CA PHE A 268 6.63 -11.64 -21.56
C PHE A 268 6.69 -11.28 -23.06
N THR A 269 6.27 -12.20 -23.92
CA THR A 269 6.25 -11.96 -25.34
C THR A 269 4.81 -11.71 -25.76
N PRO A 270 4.58 -10.56 -26.42
CA PRO A 270 3.24 -10.10 -26.84
C PRO A 270 2.52 -11.06 -27.79
N THR A 271 1.19 -11.13 -27.68
CA THR A 271 0.36 -11.98 -28.55
C THR A 271 0.06 -11.24 -29.83
N ALA A 272 -0.28 -11.99 -30.87
CA ALA A 272 -0.72 -11.43 -32.14
C ALA A 272 -1.84 -10.40 -31.99
N ALA A 273 -2.79 -10.65 -31.07
CA ALA A 273 -3.85 -9.67 -30.78
C ALA A 273 -3.29 -8.29 -30.34
N GLU A 274 -2.34 -8.30 -29.39
CA GLU A 274 -1.66 -7.07 -28.94
C GLU A 274 -0.90 -6.39 -30.07
N ILE A 275 -0.13 -7.19 -30.80
CA ILE A 275 0.71 -6.66 -31.87
C ILE A 275 -0.14 -5.96 -32.94
N ARG A 276 -1.33 -6.48 -33.19
CA ARG A 276 -2.29 -5.81 -34.05
C ARG A 276 -2.80 -4.53 -33.39
N ASP B 41 -26.41 15.94 -0.53
CA ASP B 41 -25.32 15.27 0.19
C ASP B 41 -24.74 14.11 -0.63
N THR B 42 -23.45 14.21 -0.92
CA THR B 42 -22.75 13.33 -1.87
C THR B 42 -22.73 11.84 -1.41
N TYR B 43 -22.68 11.61 -0.10
CA TYR B 43 -22.61 10.25 0.45
C TYR B 43 -23.82 9.36 0.10
N GLN B 44 -25.00 9.95 0.00
CA GLN B 44 -26.21 9.18 -0.34
C GLN B 44 -26.16 8.55 -1.74
N THR B 45 -25.48 9.20 -2.68
CA THR B 45 -25.43 8.70 -4.04
C THR B 45 -24.70 7.35 -4.14
N ARG B 46 -25.20 6.48 -5.02
CA ARG B 46 -24.70 5.12 -5.16
C ARG B 46 -24.27 4.89 -6.60
N SER B 47 -25.02 5.42 -7.55
CA SER B 47 -24.73 5.16 -8.95
C SER B 47 -24.42 6.46 -9.67
N TRP B 48 -23.30 6.49 -10.39
CA TRP B 48 -22.93 7.63 -11.24
C TRP B 48 -22.87 7.14 -12.67
N LEU B 49 -23.77 7.62 -13.51
CA LEU B 49 -23.87 7.10 -14.87
C LEU B 49 -23.28 8.06 -15.90
N PHE B 50 -22.27 7.60 -16.64
CA PHE B 50 -21.73 8.37 -17.75
C PHE B 50 -22.59 8.25 -19.01
N THR B 51 -23.02 9.41 -19.50
CA THR B 51 -23.59 9.50 -20.84
C THR B 51 -22.93 10.67 -21.58
N PRO B 52 -22.47 10.43 -22.82
CA PRO B 52 -21.81 11.50 -23.57
C PRO B 52 -22.76 12.69 -23.80
N ALA B 53 -22.16 13.88 -23.81
CA ALA B 53 -22.89 15.13 -23.92
C ALA B 53 -23.65 15.20 -25.23
N THR B 54 -23.05 14.65 -26.27
CA THR B 54 -23.68 14.54 -27.58
C THR B 54 -24.93 13.61 -27.50
N ARG B 55 -26.03 14.07 -28.13
CA ARG B 55 -27.39 13.48 -28.09
C ARG B 55 -28.43 14.60 -28.11
N GLY B 66 -32.60 3.68 -12.73
CA GLY B 66 -32.52 5.03 -12.21
C GLY B 66 -31.21 5.45 -11.51
N ALA B 67 -30.29 6.06 -12.24
CA ALA B 67 -29.03 6.48 -11.62
C ALA B 67 -29.27 7.55 -10.57
N ASP B 68 -28.47 7.54 -9.49
CA ASP B 68 -28.57 8.57 -8.46
C ASP B 68 -28.00 9.92 -8.94
N VAL B 69 -26.97 9.84 -9.79
CA VAL B 69 -26.33 11.00 -10.41
C VAL B 69 -26.07 10.71 -11.88
N ALA B 70 -26.42 11.64 -12.75
CA ALA B 70 -26.07 11.52 -14.17
C ALA B 70 -24.83 12.34 -14.44
N ILE B 71 -23.87 11.77 -15.16
CA ILE B 71 -22.67 12.50 -15.56
C ILE B 71 -22.64 12.78 -17.07
N ILE B 72 -22.86 14.04 -17.44
CA ILE B 72 -22.69 14.49 -18.81
C ILE B 72 -21.20 14.51 -19.14
N ASP B 73 -20.79 13.82 -20.20
CA ASP B 73 -19.37 13.62 -20.42
C ASP B 73 -18.84 14.46 -21.58
N LEU B 74 -17.81 15.27 -21.33
CA LEU B 74 -17.17 15.99 -22.43
C LEU B 74 -15.87 15.34 -22.88
N GLU B 75 -15.43 14.30 -22.17
CA GLU B 75 -14.09 13.74 -22.34
C GLU B 75 -13.99 12.50 -23.23
N ASP B 76 -13.69 11.34 -22.62
CA ASP B 76 -13.17 10.21 -23.40
C ASP B 76 -14.18 9.53 -24.33
N SER B 77 -15.46 9.72 -24.06
CA SER B 77 -16.51 9.18 -24.92
C SER B 77 -16.72 10.13 -26.12
N VAL B 78 -16.34 11.40 -25.92
CA VAL B 78 -16.45 12.41 -26.96
C VAL B 78 -15.17 12.50 -27.79
N SER B 79 -15.32 12.41 -29.11
CA SER B 79 -14.21 12.57 -30.05
C SER B 79 -13.63 13.97 -29.95
N GLN B 80 -12.43 14.17 -30.48
CA GLN B 80 -11.81 15.50 -30.44
C GLN B 80 -12.56 16.51 -31.30
N ALA B 81 -13.16 16.04 -32.39
CA ALA B 81 -13.92 16.88 -33.31
C ALA B 81 -15.24 17.36 -32.69
N ASP B 82 -15.71 16.64 -31.67
CA ASP B 82 -17.06 16.89 -31.15
C ASP B 82 -17.08 17.77 -29.92
N LYS B 83 -15.92 18.25 -29.48
CA LYS B 83 -15.81 18.95 -28.20
C LYS B 83 -16.65 20.23 -28.09
N GLU B 84 -16.69 21.06 -29.14
CA GLU B 84 -17.52 22.28 -29.09
C GLU B 84 -19.01 21.96 -29.09
N GLN B 85 -19.43 21.04 -29.96
CA GLN B 85 -20.84 20.64 -30.01
C GLN B 85 -21.37 20.01 -28.72
N ALA B 86 -20.56 19.14 -28.11
CA ALA B 86 -20.93 18.52 -26.84
C ALA B 86 -20.96 19.56 -25.73
N ARG B 87 -19.98 20.47 -25.79
CA ARG B 87 -19.88 21.58 -24.85
C ARG B 87 -21.17 22.39 -24.74
N GLN B 88 -21.58 23.02 -25.84
CA GLN B 88 -22.76 23.91 -25.77
C GLN B 88 -24.06 23.15 -25.56
N LYS B 89 -24.16 21.94 -26.09
CA LYS B 89 -25.25 21.07 -25.67
C LYS B 89 -25.38 20.99 -24.16
N ALA B 90 -24.28 20.69 -23.47
CA ALA B 90 -24.30 20.55 -22.01
C ALA B 90 -24.72 21.83 -21.28
N ILE B 91 -24.25 22.96 -21.78
CA ILE B 91 -24.60 24.26 -21.21
C ILE B 91 -26.14 24.48 -21.16
N SER B 92 -26.85 23.92 -22.12
CA SER B 92 -28.32 23.91 -22.07
C SER B 92 -28.83 23.00 -20.93
N LEU B 102 -33.09 16.54 -9.30
CA LEU B 102 -32.10 15.46 -9.32
C LEU B 102 -30.72 16.01 -9.74
N PRO B 103 -29.67 15.67 -8.98
CA PRO B 103 -28.37 16.33 -9.13
C PRO B 103 -27.68 15.92 -10.42
N LEU B 104 -26.98 16.86 -11.03
CA LEU B 104 -26.43 16.66 -12.35
C LEU B 104 -24.91 16.88 -12.27
N ALA B 105 -24.14 16.03 -12.94
CA ALA B 105 -22.69 16.16 -12.98
C ALA B 105 -22.24 16.38 -14.41
N LEU B 106 -21.14 17.11 -14.55
CA LEU B 106 -20.50 17.32 -15.83
C LEU B 106 -19.01 16.98 -15.72
N ARG B 107 -18.56 15.99 -16.48
CA ARG B 107 -17.13 15.77 -16.60
C ARG B 107 -16.58 16.56 -17.75
N ILE B 108 -15.78 17.58 -17.42
CA ILE B 108 -15.10 18.39 -18.44
C ILE B 108 -13.80 17.70 -18.83
N ASN B 109 -13.14 18.22 -19.86
CA ASN B 109 -11.83 17.74 -20.25
C ASN B 109 -10.81 18.24 -19.23
N GLY B 110 -9.63 17.60 -19.22
CA GLY B 110 -8.58 17.89 -18.28
C GLY B 110 -8.12 19.34 -18.32
N LEU B 111 -7.75 19.87 -17.16
CA LEU B 111 -7.23 21.23 -17.05
C LEU B 111 -5.99 21.46 -17.92
N ASP B 112 -5.25 20.40 -18.18
CA ASP B 112 -4.05 20.48 -19.01
C ASP B 112 -4.37 20.23 -20.50
N THR B 113 -5.65 20.27 -20.85
CA THR B 113 -6.04 20.22 -22.25
C THR B 113 -6.67 21.52 -22.71
N ARG B 114 -6.43 21.84 -23.96
CA ARG B 114 -7.11 22.93 -24.59
C ARG B 114 -8.64 22.76 -24.52
N ALA B 115 -9.12 21.52 -24.70
CA ALA B 115 -10.55 21.24 -24.53
C ALA B 115 -11.08 21.72 -23.16
N GLY B 116 -10.35 21.41 -22.09
CA GLY B 116 -10.75 21.76 -20.74
C GLY B 116 -10.73 23.27 -20.48
N ILE B 117 -9.74 23.97 -21.02
CA ILE B 117 -9.73 25.44 -20.98
C ILE B 117 -11.00 25.99 -21.68
N GLU B 118 -11.25 25.52 -22.88
CA GLU B 118 -12.47 25.91 -23.59
C GLU B 118 -13.73 25.62 -22.80
N ASP B 119 -13.82 24.41 -22.23
CA ASP B 119 -14.96 24.02 -21.40
C ASP B 119 -15.19 24.96 -20.25
N ILE B 120 -14.10 25.31 -19.56
CA ILE B 120 -14.18 26.21 -18.40
C ILE B 120 -14.60 27.62 -18.83
N HIS B 121 -14.04 28.09 -19.93
CA HIS B 121 -14.39 29.40 -20.49
C HIS B 121 -15.91 29.47 -20.78
N ALA B 122 -16.44 28.51 -21.53
CA ALA B 122 -17.87 28.43 -21.84
C ALA B 122 -18.73 28.40 -20.58
N LEU B 123 -18.32 27.60 -19.61
CA LEU B 123 -19.06 27.53 -18.34
C LEU B 123 -19.16 28.88 -17.68
N LEU B 124 -18.03 29.60 -17.62
CA LEU B 124 -17.97 30.88 -16.93
C LEU B 124 -18.74 31.99 -17.68
N GLU B 125 -18.89 31.82 -18.99
CA GLU B 125 -19.59 32.80 -19.83
C GLU B 125 -21.08 32.64 -19.78
N CYS B 126 -21.57 31.49 -20.24
CA CYS B 126 -23.00 31.29 -20.38
C CYS B 126 -23.72 31.02 -19.03
N GLY B 127 -22.98 31.20 -17.94
CA GLY B 127 -23.59 31.36 -16.63
C GLY B 127 -23.94 30.09 -15.85
N SER B 128 -24.18 29.01 -16.57
CA SER B 128 -24.92 27.89 -15.99
C SER B 128 -24.01 26.74 -15.56
N LEU B 129 -24.24 26.25 -14.35
CA LEU B 129 -23.37 25.26 -13.70
C LEU B 129 -24.09 24.04 -13.09
N PRO B 130 -23.49 22.85 -13.23
CA PRO B 130 -24.03 21.61 -12.66
C PRO B 130 -23.79 21.60 -11.17
N ASP B 131 -24.49 20.72 -10.46
CA ASP B 131 -24.25 20.51 -9.02
C ASP B 131 -22.86 19.92 -8.77
N TYR B 132 -22.38 19.11 -9.71
CA TYR B 132 -21.07 18.51 -9.57
C TYR B 132 -20.19 18.73 -10.81
N LEU B 133 -19.00 19.27 -10.60
CA LEU B 133 -18.01 19.41 -11.66
C LEU B 133 -16.95 18.31 -11.52
N VAL B 134 -16.88 17.42 -12.51
CA VAL B 134 -16.00 16.27 -12.49
C VAL B 134 -14.73 16.53 -13.30
N LEU B 135 -13.60 16.55 -12.60
CA LEU B 135 -12.32 16.87 -13.21
C LEU B 135 -11.47 15.63 -13.40
N PRO B 136 -11.18 15.29 -14.65
CA PRO B 136 -10.32 14.14 -14.94
C PRO B 136 -8.87 14.45 -14.58
N LYS B 137 -8.14 13.37 -14.36
CA LYS B 137 -6.72 13.46 -14.12
C LYS B 137 -6.36 14.45 -13.06
N THR B 138 -7.07 14.38 -11.94
CA THR B 138 -6.75 15.21 -10.80
C THR B 138 -5.41 14.68 -10.22
N GLU B 139 -4.42 15.57 -10.18
CA GLU B 139 -3.06 15.14 -9.88
C GLU B 139 -2.43 15.92 -8.72
N SER B 140 -3.19 16.86 -8.17
CA SER B 140 -2.68 17.67 -7.09
C SER B 140 -3.80 18.42 -6.42
N ALA B 141 -3.56 18.95 -5.23
CA ALA B 141 -4.59 19.74 -4.56
C ALA B 141 -4.80 21.04 -5.34
N ALA B 142 -3.76 21.53 -5.99
CA ALA B 142 -3.89 22.76 -6.76
C ALA B 142 -4.91 22.59 -7.89
N HIS B 143 -5.04 21.38 -8.44
CA HIS B 143 -6.04 21.12 -9.48
C HIS B 143 -7.42 21.52 -8.99
N LEU B 144 -7.74 21.08 -7.77
CA LEU B 144 -9.04 21.32 -7.20
C LEU B 144 -9.20 22.78 -6.73
N GLN B 145 -8.12 23.37 -6.21
CA GLN B 145 -8.18 24.73 -5.68
C GLN B 145 -8.37 25.79 -6.78
N ILE B 146 -7.77 25.52 -7.93
CA ILE B 146 -7.99 26.34 -9.10
C ILE B 146 -9.46 26.36 -9.50
N LEU B 147 -10.06 25.16 -9.65
CA LEU B 147 -11.48 25.01 -9.97
C LEU B 147 -12.37 25.69 -8.94
N ASP B 148 -12.05 25.44 -7.67
CA ASP B 148 -12.71 26.07 -6.54
C ASP B 148 -12.73 27.58 -6.69
N ARG B 149 -11.56 28.20 -6.86
CA ARG B 149 -11.53 29.64 -7.01
C ARG B 149 -12.26 30.08 -8.27
N LEU B 150 -12.11 29.34 -9.34
CA LEU B 150 -12.81 29.67 -10.57
C LEU B 150 -14.34 29.66 -10.42
N MSE B 151 -14.88 28.59 -9.84
CA MSE B 151 -16.34 28.44 -9.67
C MSE B 151 -16.91 29.37 -8.59
O MSE B 151 -18.13 29.55 -8.52
CB MSE B 151 -16.67 26.97 -9.33
CG MSE B 151 -16.20 25.95 -10.35
SE MSE B 151 -17.28 26.04 -11.96
CE MSE B 151 -16.04 26.86 -13.23
N MSE B 152 -16.05 29.93 -7.76
CA MSE B 152 -16.51 30.71 -6.60
C MSE B 152 -17.26 31.97 -7.01
O MSE B 152 -18.24 32.34 -6.38
CB MSE B 152 -15.36 31.06 -5.71
N PHE B 153 -16.79 32.63 -8.07
CA PHE B 153 -17.60 33.65 -8.71
C PHE B 153 -18.45 33.03 -9.83
N ALA B 154 -19.60 33.66 -10.08
CA ALA B 154 -20.69 33.09 -10.89
C ALA B 154 -21.26 31.83 -10.25
N ASP B 157 -22.42 27.31 -4.98
CA ASP B 157 -23.00 26.08 -4.43
C ASP B 157 -22.55 24.83 -5.17
N THR B 158 -21.65 25.00 -6.12
CA THR B 158 -21.21 23.90 -6.96
C THR B 158 -20.03 23.17 -6.33
N ARG B 159 -20.19 21.85 -6.22
CA ARG B 159 -19.20 21.00 -5.58
C ARG B 159 -18.34 20.25 -6.59
N LEU B 160 -17.16 19.81 -6.15
CA LEU B 160 -16.19 19.17 -7.05
C LEU B 160 -16.10 17.66 -6.85
N ILE B 161 -15.85 16.96 -7.96
CA ILE B 161 -15.46 15.55 -7.93
C ILE B 161 -14.17 15.40 -8.75
N GLY B 162 -13.13 14.85 -8.12
CA GLY B 162 -11.86 14.61 -8.79
C GLY B 162 -11.73 13.15 -9.23
N ILE B 163 -11.09 12.92 -10.36
CA ILE B 163 -10.81 11.56 -10.78
C ILE B 163 -9.32 11.26 -10.56
N ILE B 164 -9.07 10.18 -9.82
CA ILE B 164 -7.73 9.66 -9.62
C ILE B 164 -7.48 8.57 -10.62
N GLU B 165 -6.80 8.92 -11.71
CA GLU B 165 -6.56 7.94 -12.80
C GLU B 165 -5.10 7.80 -13.17
N SER B 166 -4.22 8.42 -12.40
CA SER B 166 -2.79 8.39 -12.73
C SER B 166 -1.92 8.13 -11.51
N VAL B 167 -0.72 7.63 -11.71
CA VAL B 167 0.26 7.44 -10.64
C VAL B 167 0.57 8.73 -9.85
N ARG B 168 0.77 9.81 -10.59
CA ARG B 168 1.00 11.11 -10.00
C ARG B 168 -0.14 11.54 -9.08
N GLY B 169 -1.35 11.33 -9.56
CA GLY B 169 -2.55 11.55 -8.78
C GLY B 169 -2.63 10.67 -7.56
N LEU B 170 -2.35 9.38 -7.74
CA LEU B 170 -2.38 8.42 -6.66
C LEU B 170 -1.36 8.81 -5.57
N ASN B 171 -0.15 9.23 -5.95
CA ASN B 171 0.85 9.61 -4.95
C ASN B 171 0.50 10.84 -4.13
N ALA B 172 -0.38 11.68 -4.69
CA ALA B 172 -0.79 12.89 -4.01
C ALA B 172 -2.22 12.80 -3.45
N VAL B 173 -2.73 11.58 -3.35
CA VAL B 173 -4.16 11.40 -3.08
C VAL B 173 -4.58 11.95 -1.72
N GLU B 174 -3.71 11.86 -0.73
CA GLU B 174 -3.99 12.40 0.56
C GLU B 174 -4.19 13.90 0.53
N SER B 175 -3.30 14.60 -0.16
CA SER B 175 -3.40 16.03 -0.22
C SER B 175 -4.57 16.43 -1.15
N ILE B 176 -4.81 15.63 -2.20
CA ILE B 176 -5.97 15.87 -3.07
C ILE B 176 -7.28 15.79 -2.29
N ALA B 177 -7.42 14.74 -1.47
CA ALA B 177 -8.64 14.53 -0.69
C ALA B 177 -8.85 15.64 0.37
N ALA B 178 -7.78 16.33 0.70
CA ALA B 178 -7.86 17.35 1.72
C ALA B 178 -7.84 18.78 1.13
N ALA B 179 -7.93 18.89 -0.20
CA ALA B 179 -7.65 20.16 -0.91
C ALA B 179 -8.64 21.30 -0.65
N THR B 180 -9.93 20.99 -0.67
CA THR B 180 -10.96 21.98 -0.45
C THR B 180 -12.28 21.37 0.04
N PRO B 181 -13.06 22.13 0.86
CA PRO B 181 -14.39 21.74 1.36
C PRO B 181 -15.37 21.49 0.22
N LYS B 182 -15.17 22.17 -0.90
CA LYS B 182 -16.03 21.95 -2.05
C LYS B 182 -15.87 20.57 -2.72
N LEU B 183 -14.76 19.89 -2.45
CA LEU B 183 -14.57 18.51 -2.92
C LEU B 183 -15.58 17.61 -2.23
N ALA B 184 -16.34 16.88 -3.04
CA ALA B 184 -17.45 16.04 -2.55
C ALA B 184 -17.24 14.55 -2.80
N GLY B 185 -16.07 14.14 -3.32
CA GLY B 185 -15.83 12.74 -3.62
C GLY B 185 -14.72 12.56 -4.64
N LEU B 186 -14.16 11.36 -4.69
CA LEU B 186 -13.13 11.04 -5.67
C LEU B 186 -13.57 9.81 -6.44
N ILE B 187 -13.41 9.82 -7.76
CA ILE B 187 -13.70 8.64 -8.55
C ILE B 187 -12.40 7.91 -8.87
N PHE B 188 -12.39 6.59 -8.76
CA PHE B 188 -11.23 5.83 -9.18
C PHE B 188 -11.30 5.61 -10.67
N GLY B 189 -10.19 5.87 -11.35
CA GLY B 189 -10.11 5.63 -12.78
C GLY B 189 -9.25 4.38 -13.10
N ALA B 190 -9.86 3.19 -13.00
CA ALA B 190 -9.13 1.95 -13.14
C ALA B 190 -8.39 1.78 -14.45
N ALA B 191 -9.09 2.06 -15.54
CA ALA B 191 -8.52 1.78 -16.85
C ALA B 191 -7.29 2.64 -17.14
N ASP B 192 -7.37 3.94 -16.85
CA ASP B 192 -6.21 4.82 -17.01
C ASP B 192 -5.11 4.58 -15.97
N MSE B 193 -5.52 4.26 -14.75
CA MSE B 193 -4.57 3.93 -13.69
C MSE B 193 -3.69 2.75 -14.11
O MSE B 193 -2.47 2.83 -14.07
CB MSE B 193 -5.33 3.63 -12.39
CG MSE B 193 -4.40 3.35 -11.22
SE MSE B 193 -3.31 4.95 -10.80
CE MSE B 193 -4.72 5.98 -9.75
N ALA B 194 -4.32 1.69 -14.62
CA ALA B 194 -3.68 0.47 -15.09
C ALA B 194 -2.76 0.76 -16.29
N ALA B 195 -3.26 1.59 -17.19
CA ALA B 195 -2.54 1.98 -18.41
C ALA B 195 -1.32 2.84 -18.03
N ASP B 196 -1.50 3.72 -17.05
CA ASP B 196 -0.41 4.59 -16.65
C ASP B 196 0.75 3.78 -16.01
N ILE B 197 0.35 2.74 -15.28
CA ILE B 197 1.24 1.85 -14.55
C ILE B 197 1.80 0.79 -15.49
N GLY B 198 1.04 0.45 -16.53
CA GLY B 198 1.41 -0.65 -17.37
C GLY B 198 0.89 -1.99 -16.89
N ALA B 199 -0.15 -1.94 -16.06
CA ALA B 199 -0.75 -3.11 -15.42
C ALA B 199 -2.02 -3.55 -16.13
N ALA B 200 -2.52 -4.74 -15.78
CA ALA B 200 -3.86 -5.15 -16.22
C ALA B 200 -4.94 -4.42 -15.38
N SER B 201 -6.12 -4.27 -15.95
CA SER B 201 -7.28 -3.61 -15.32
C SER B 201 -7.94 -4.42 -14.19
N THR B 202 -7.53 -5.67 -14.04
CA THR B 202 -8.09 -6.57 -13.03
C THR B 202 -7.92 -6.04 -11.61
N TRP B 203 -8.77 -6.52 -10.70
CA TRP B 203 -8.74 -6.12 -9.30
C TRP B 203 -7.38 -6.01 -8.61
N GLU B 204 -6.65 -7.10 -8.69
CA GLU B 204 -5.43 -7.34 -7.90
C GLU B 204 -4.32 -6.31 -8.14
N PRO B 205 -3.98 -6.02 -9.42
CA PRO B 205 -2.94 -5.00 -9.66
C PRO B 205 -3.31 -3.57 -9.20
N LEU B 206 -4.61 -3.34 -8.97
CA LEU B 206 -5.11 -2.02 -8.63
C LEU B 206 -5.58 -1.92 -7.15
N ALA B 207 -5.49 -3.03 -6.43
CA ALA B 207 -5.95 -3.15 -5.05
C ALA B 207 -5.32 -2.16 -4.09
N LEU B 208 -3.99 -2.02 -4.17
CA LEU B 208 -3.27 -0.94 -3.47
C LEU B 208 -3.85 0.43 -3.72
N ALA B 209 -3.92 0.78 -5.00
CA ALA B 209 -4.45 2.07 -5.38
C ALA B 209 -5.86 2.29 -4.79
N ARG B 210 -6.70 1.25 -4.85
CA ARG B 210 -8.08 1.42 -4.40
C ARG B 210 -8.13 1.66 -2.90
N ALA B 211 -7.35 0.87 -2.16
CA ALA B 211 -7.32 1.00 -0.71
C ALA B 211 -6.78 2.37 -0.27
N ARG B 212 -5.76 2.84 -0.97
CA ARG B 212 -5.18 4.13 -0.68
C ARG B 212 -6.17 5.25 -0.98
N LEU B 213 -6.94 5.08 -2.04
CA LEU B 213 -7.97 6.06 -2.39
C LEU B 213 -9.08 6.10 -1.33
N VAL B 214 -9.59 4.93 -0.94
CA VAL B 214 -10.66 4.89 0.05
C VAL B 214 -10.24 5.56 1.36
N SER B 215 -9.05 5.20 1.85
CA SER B 215 -8.52 5.79 3.08
C SER B 215 -8.44 7.33 3.03
N ALA B 216 -7.97 7.88 1.91
CA ALA B 216 -7.85 9.35 1.78
C ALA B 216 -9.22 9.99 1.80
N CYS B 217 -10.18 9.37 1.12
CA CYS B 217 -11.57 9.84 1.19
C CYS B 217 -12.17 9.81 2.59
N ALA B 218 -12.06 8.66 3.25
CA ALA B 218 -12.61 8.49 4.59
C ALA B 218 -11.99 9.50 5.54
N MSE B 219 -10.68 9.71 5.41
CA MSE B 219 -9.95 10.72 6.20
C MSE B 219 -10.52 12.14 6.05
O MSE B 219 -10.34 12.99 6.95
CB MSE B 219 -8.51 10.73 5.74
CG MSE B 219 -7.60 11.67 6.50
SE MSE B 219 -7.42 11.10 8.33
CE MSE B 219 -6.22 9.57 8.12
N ASN B 220 -11.20 12.40 4.95
CA ASN B 220 -11.68 13.72 4.71
C ASN B 220 -13.24 13.75 4.68
N GLY B 221 -13.87 12.61 5.00
CA GLY B 221 -15.32 12.61 5.16
C GLY B 221 -16.06 12.73 3.84
N ILE B 222 -15.44 12.21 2.78
CA ILE B 222 -16.04 12.21 1.46
C ILE B 222 -16.10 10.78 0.94
N PRO B 223 -17.06 10.51 0.06
CA PRO B 223 -17.15 9.15 -0.50
C PRO B 223 -16.09 8.82 -1.55
N ALA B 224 -15.66 7.56 -1.58
CA ALA B 224 -14.87 7.01 -2.67
C ALA B 224 -15.84 6.41 -3.68
N ILE B 225 -15.69 6.76 -4.95
CA ILE B 225 -16.54 6.24 -6.02
C ILE B 225 -15.75 5.33 -6.93
N ASP B 226 -16.20 4.08 -6.99
CA ASP B 226 -15.47 3.10 -7.76
C ASP B 226 -15.54 3.32 -9.26
N ALA B 227 -14.49 2.85 -9.95
CA ALA B 227 -14.47 2.82 -11.41
C ALA B 227 -15.68 2.06 -11.99
N PRO B 228 -16.08 2.39 -13.22
CA PRO B 228 -17.10 1.62 -13.93
C PRO B 228 -16.60 0.25 -14.32
N PHE B 229 -17.52 -0.70 -14.37
CA PHE B 229 -17.23 -2.05 -14.85
C PHE B 229 -17.54 -2.09 -16.33
N PHE B 230 -16.60 -2.60 -17.12
CA PHE B 230 -16.72 -2.57 -18.58
C PHE B 230 -17.80 -3.46 -19.19
N ASP B 231 -17.76 -4.74 -18.85
CA ASP B 231 -18.65 -5.71 -19.48
C ASP B 231 -20.08 -5.53 -19.00
N VAL B 232 -20.91 -5.01 -19.89
CA VAL B 232 -22.33 -4.87 -19.61
C VAL B 232 -23.01 -6.24 -19.53
N HIS B 233 -22.43 -7.22 -20.21
CA HIS B 233 -23.02 -8.55 -20.32
C HIS B 233 -22.63 -9.48 -19.18
N ASP B 234 -21.49 -9.21 -18.56
CA ASP B 234 -21.03 -10.02 -17.43
C ASP B 234 -21.61 -9.48 -16.13
N VAL B 235 -22.89 -9.76 -15.92
CA VAL B 235 -23.56 -9.37 -14.68
C VAL B 235 -22.91 -10.02 -13.45
N SER B 236 -22.45 -11.25 -13.58
CA SER B 236 -21.70 -11.91 -12.52
C SER B 236 -20.48 -11.10 -12.10
N GLY B 237 -19.67 -10.72 -13.09
CA GLY B 237 -18.49 -9.92 -12.87
C GLY B 237 -18.78 -8.57 -12.28
N LEU B 238 -19.91 -7.99 -12.68
CA LEU B 238 -20.32 -6.70 -12.14
C LEU B 238 -20.66 -6.83 -10.67
N GLN B 239 -21.41 -7.88 -10.35
CA GLN B 239 -21.80 -8.18 -8.98
C GLN B 239 -20.59 -8.38 -8.06
N SER B 240 -19.64 -9.21 -8.52
CA SER B 240 -18.42 -9.47 -7.77
C SER B 240 -17.57 -8.22 -7.51
N GLU B 241 -17.29 -7.47 -8.57
CA GLU B 241 -16.47 -6.28 -8.42
C GLU B 241 -17.14 -5.23 -7.51
N THR B 242 -18.44 -5.03 -7.68
CA THR B 242 -19.16 -4.05 -6.89
C THR B 242 -19.14 -4.37 -5.38
N LEU B 243 -19.35 -5.65 -5.09
CA LEU B 243 -19.30 -6.17 -3.72
C LEU B 243 -17.89 -5.98 -3.11
N ARG B 244 -16.87 -6.30 -3.90
CA ARG B 244 -15.49 -6.07 -3.48
C ARG B 244 -15.22 -4.62 -3.11
N ALA B 245 -15.73 -3.69 -3.93
CA ALA B 245 -15.59 -2.26 -3.71
C ALA B 245 -16.31 -1.84 -2.43
N SER B 246 -17.54 -2.33 -2.24
CA SER B 246 -18.26 -2.00 -1.00
C SER B 246 -17.51 -2.48 0.28
N ASP B 247 -16.99 -3.70 0.26
CA ASP B 247 -16.23 -4.25 1.38
C ASP B 247 -14.97 -3.38 1.62
N PHE B 248 -14.37 -2.88 0.52
CA PHE B 248 -13.18 -2.00 0.63
C PHE B 248 -13.48 -0.65 1.29
N GLY B 249 -14.76 -0.25 1.26
CA GLY B 249 -15.19 1.02 1.80
C GLY B 249 -15.65 2.06 0.77
N PHE B 250 -15.67 1.69 -0.51
CA PHE B 250 -16.36 2.48 -1.51
C PHE B 250 -17.84 2.62 -1.16
N SER B 251 -18.36 3.82 -1.41
CA SER B 251 -19.73 4.18 -1.06
C SER B 251 -20.52 4.16 -2.32
N ALA B 252 -19.82 4.12 -3.47
CA ALA B 252 -20.49 4.21 -4.76
C ALA B 252 -19.71 3.63 -5.92
N LYS B 253 -20.35 3.51 -7.07
CA LYS B 253 -19.64 2.99 -8.24
C LYS B 253 -20.14 3.67 -9.51
N ALA B 254 -19.23 4.04 -10.41
CA ALA B 254 -19.67 4.65 -11.67
C ALA B 254 -20.20 3.55 -12.61
N ALA B 255 -20.82 3.99 -13.71
CA ALA B 255 -21.48 3.08 -14.61
C ALA B 255 -21.51 3.66 -16.01
N ILE B 256 -21.62 2.80 -17.00
CA ILE B 256 -21.60 3.24 -18.37
C ILE B 256 -22.80 2.70 -19.12
N HIS B 257 -23.71 2.06 -18.40
CA HIS B 257 -24.94 1.54 -19.00
C HIS B 257 -25.99 1.38 -17.92
N PRO B 258 -27.23 1.85 -18.20
CA PRO B 258 -28.33 1.84 -17.23
C PRO B 258 -28.64 0.46 -16.66
N ALA B 259 -28.26 -0.59 -17.38
CA ALA B 259 -28.44 -1.96 -16.91
C ALA B 259 -27.65 -2.25 -15.64
N GLN B 260 -26.58 -1.49 -15.44
CA GLN B 260 -25.71 -1.68 -14.30
C GLN B 260 -26.28 -1.00 -13.06
N ILE B 261 -27.21 -0.06 -13.27
CA ILE B 261 -27.62 0.85 -12.19
C ILE B 261 -28.27 0.18 -10.99
N SER B 262 -29.21 -0.72 -11.26
CA SER B 262 -29.98 -1.37 -10.19
C SER B 262 -29.06 -2.26 -9.37
N THR B 263 -28.18 -2.98 -10.03
CA THR B 263 -27.17 -3.80 -9.33
C THR B 263 -26.33 -2.92 -8.41
N ILE B 264 -25.90 -1.79 -8.95
CA ILE B 264 -25.06 -0.89 -8.20
C ILE B 264 -25.81 -0.25 -7.04
N ASN B 265 -27.03 0.23 -7.31
CA ASN B 265 -27.86 0.79 -6.26
C ASN B 265 -28.11 -0.17 -5.12
N THR B 266 -28.53 -1.39 -5.46
CA THR B 266 -28.83 -2.37 -4.44
C THR B 266 -27.64 -2.69 -3.56
N LEU B 267 -26.47 -2.92 -4.17
CA LEU B 267 -25.30 -3.33 -3.41
C LEU B 267 -24.70 -2.25 -2.54
N PHE B 268 -24.94 -0.99 -2.91
CA PHE B 268 -24.44 0.11 -2.10
C PHE B 268 -25.56 0.61 -1.20
N THR B 269 -26.63 -0.18 -1.08
CA THR B 269 -27.73 0.23 -0.20
C THR B 269 -27.72 -0.56 1.11
N PRO B 270 -27.69 0.15 2.24
CA PRO B 270 -27.64 -0.42 3.58
C PRO B 270 -28.87 -1.31 3.83
N THR B 271 -28.74 -2.36 4.62
CA THR B 271 -29.86 -3.25 4.93
C THR B 271 -30.74 -2.71 6.05
N ALA B 272 -31.99 -3.15 6.10
CA ALA B 272 -32.89 -2.80 7.19
C ALA B 272 -32.30 -3.07 8.56
N ALA B 273 -31.60 -4.20 8.70
CA ALA B 273 -30.87 -4.53 9.93
C ALA B 273 -29.86 -3.42 10.30
N GLU B 274 -29.06 -3.00 9.33
CA GLU B 274 -28.10 -1.91 9.50
C GLU B 274 -28.80 -0.59 9.86
N ILE B 275 -29.85 -0.25 9.11
CA ILE B 275 -30.58 1.00 9.31
C ILE B 275 -31.14 1.06 10.73
N ARG B 276 -31.55 -0.08 11.25
CA ARG B 276 -31.95 -0.20 12.64
C ARG B 276 -30.73 -0.06 13.57
N ASP C 41 11.35 -10.10 26.61
CA ASP C 41 11.43 -9.78 25.19
C ASP C 41 10.13 -9.92 24.41
N THR C 42 9.70 -8.81 23.83
CA THR C 42 8.38 -8.73 23.22
C THR C 42 8.24 -9.66 22.01
N TYR C 43 9.34 -9.86 21.29
CA TYR C 43 9.32 -10.72 20.09
C TYR C 43 8.93 -12.18 20.38
N GLN C 44 9.36 -12.69 21.53
CA GLN C 44 9.03 -14.06 21.92
C GLN C 44 7.55 -14.27 22.15
N THR C 45 6.88 -13.22 22.59
CA THR C 45 5.47 -13.30 22.92
C THR C 45 4.64 -13.62 21.67
N ARG C 46 3.59 -14.42 21.82
CA ARG C 46 2.77 -14.87 20.68
C ARG C 46 1.31 -14.48 20.89
N SER C 47 0.84 -14.57 22.13
CA SER C 47 -0.55 -14.32 22.46
C SER C 47 -0.69 -13.17 23.46
N TRP C 48 -1.56 -12.21 23.15
CA TRP C 48 -1.90 -11.12 24.08
C TRP C 48 -3.40 -11.20 24.40
N LEU C 49 -3.72 -11.50 25.67
CA LEU C 49 -5.12 -11.72 26.06
C LEU C 49 -5.71 -10.57 26.84
N PHE C 50 -6.77 -9.99 26.29
CA PHE C 50 -7.53 -8.97 26.97
C PHE C 50 -8.50 -9.59 27.99
N THR C 51 -8.36 -9.15 29.23
CA THR C 51 -9.36 -9.39 30.27
C THR C 51 -9.67 -8.06 30.96
N PRO C 52 -10.96 -7.75 31.13
CA PRO C 52 -11.38 -6.49 31.76
C PRO C 52 -10.87 -6.36 33.19
N ALA C 53 -10.57 -5.12 33.58
CA ALA C 53 -10.02 -4.82 34.88
C ALA C 53 -10.97 -5.23 35.99
N THR C 54 -12.26 -5.05 35.76
CA THR C 54 -13.27 -5.47 36.71
C THR C 54 -13.22 -6.99 36.91
N ARG C 55 -13.29 -7.40 38.18
CA ARG C 55 -13.10 -8.78 38.67
C ARG C 55 -12.39 -8.74 40.02
N GLY C 66 -3.13 -20.56 28.42
CA GLY C 66 -2.07 -19.75 28.99
C GLY C 66 -1.44 -18.64 28.12
N ALA C 67 -1.97 -17.42 28.25
CA ALA C 67 -1.46 -16.27 27.48
C ALA C 67 -0.03 -15.91 27.87
N ASP C 68 0.77 -15.49 26.90
CA ASP C 68 2.15 -15.06 27.20
C ASP C 68 2.17 -13.72 27.91
N VAL C 69 1.20 -12.88 27.58
CA VAL C 69 1.05 -11.60 28.25
C VAL C 69 -0.44 -11.41 28.48
N ALA C 70 -0.80 -11.01 29.71
CA ALA C 70 -2.18 -10.65 30.00
C ALA C 70 -2.32 -9.12 29.93
N ILE C 71 -3.37 -8.66 29.26
CA ILE C 71 -3.68 -7.23 29.21
C ILE C 71 -4.93 -6.93 30.02
N ILE C 72 -4.73 -6.31 31.17
CA ILE C 72 -5.81 -5.82 31.97
C ILE C 72 -6.42 -4.60 31.27
N ASP C 73 -7.73 -4.66 31.03
CA ASP C 73 -8.36 -3.66 30.19
C ASP C 73 -9.25 -2.65 30.93
N LEU C 74 -8.99 -1.36 30.75
CA LEU C 74 -9.84 -0.30 31.30
C LEU C 74 -10.77 0.27 30.22
N GLU C 75 -10.60 -0.17 28.97
CA GLU C 75 -11.27 0.50 27.85
C GLU C 75 -12.56 -0.18 27.41
N ASP C 76 -12.53 -0.79 26.22
CA ASP C 76 -13.75 -1.11 25.48
C ASP C 76 -14.62 -2.21 26.09
N SER C 77 -14.02 -3.04 26.94
CA SER C 77 -14.77 -4.06 27.64
C SER C 77 -15.45 -3.50 28.89
N VAL C 78 -14.89 -2.40 29.41
CA VAL C 78 -15.44 -1.74 30.59
C VAL C 78 -16.43 -0.64 30.24
N SER C 79 -17.63 -0.70 30.83
CA SER C 79 -18.62 0.34 30.66
C SER C 79 -18.11 1.65 31.24
N GLN C 80 -18.77 2.75 30.86
CA GLN C 80 -18.40 4.07 31.35
C GLN C 80 -18.67 4.22 32.85
N ALA C 81 -19.72 3.56 33.32
CA ALA C 81 -20.09 3.62 34.73
C ALA C 81 -19.08 2.89 35.59
N ASP C 82 -18.32 1.99 34.97
CA ASP C 82 -17.47 1.05 35.67
C ASP C 82 -16.01 1.50 35.74
N LYS C 83 -15.72 2.69 35.20
CA LYS C 83 -14.35 3.16 35.04
C LYS C 83 -13.61 3.33 36.36
N GLU C 84 -14.29 3.88 37.36
CA GLU C 84 -13.65 4.05 38.67
C GLU C 84 -13.35 2.73 39.39
N GLN C 85 -14.34 1.84 39.47
CA GLN C 85 -14.12 0.50 40.02
C GLN C 85 -12.90 -0.15 39.41
N ALA C 86 -12.97 -0.33 38.09
CA ALA C 86 -11.95 -1.02 37.33
C ALA C 86 -10.62 -0.37 37.49
N ARG C 87 -10.60 0.95 37.51
CA ARG C 87 -9.36 1.68 37.71
C ARG C 87 -8.61 1.19 38.96
N GLN C 88 -9.23 1.37 40.13
CA GLN C 88 -8.52 1.07 41.38
C GLN C 88 -8.25 -0.42 41.60
N LYS C 89 -9.15 -1.25 41.08
CA LYS C 89 -8.97 -2.69 41.13
C LYS C 89 -7.73 -3.08 40.34
N ALA C 90 -7.59 -2.51 39.15
CA ALA C 90 -6.44 -2.75 38.30
C ALA C 90 -5.16 -2.27 38.97
N ILE C 91 -5.24 -1.13 39.63
CA ILE C 91 -4.09 -0.54 40.31
C ILE C 91 -3.58 -1.47 41.40
N SER C 92 -4.52 -2.08 42.12
CA SER C 92 -4.17 -3.02 43.18
C SER C 92 -2.65 -3.11 43.34
N LEU C 102 5.67 -13.33 35.73
CA LEU C 102 5.05 -13.29 34.40
C LEU C 102 4.57 -11.87 34.03
N PRO C 103 4.92 -11.40 32.82
CA PRO C 103 4.75 -9.98 32.47
C PRO C 103 3.29 -9.56 32.28
N LEU C 104 2.98 -8.35 32.70
CA LEU C 104 1.61 -7.89 32.80
C LEU C 104 1.42 -6.60 31.97
N ALA C 105 0.31 -6.51 31.25
CA ALA C 105 0.02 -5.31 30.47
C ALA C 105 -1.25 -4.65 31.00
N LEU C 106 -1.31 -3.32 30.86
CA LEU C 106 -2.49 -2.54 31.21
C LEU C 106 -2.87 -1.61 30.05
N ARG C 107 -4.05 -1.83 29.49
CA ARG C 107 -4.60 -0.88 28.54
C ARG C 107 -5.43 0.16 29.25
N ILE C 108 -4.92 1.39 29.25
CA ILE C 108 -5.64 2.52 29.83
C ILE C 108 -6.60 3.08 28.78
N ASN C 109 -7.46 4.00 29.16
CA ASN C 109 -8.32 4.71 28.20
C ASN C 109 -7.52 5.72 27.41
N GLY C 110 -8.07 6.15 26.27
CA GLY C 110 -7.36 7.07 25.39
C GLY C 110 -6.94 8.39 26.01
N LEU C 111 -5.79 8.90 25.60
CA LEU C 111 -5.30 10.20 26.08
C LEU C 111 -6.25 11.37 25.84
N ASP C 112 -7.07 11.25 24.80
CA ASP C 112 -8.06 12.27 24.45
C ASP C 112 -9.42 12.04 25.14
N THR C 113 -9.46 11.14 26.14
CA THR C 113 -10.65 10.93 26.98
C THR C 113 -10.42 11.39 28.44
N ARG C 114 -11.46 11.90 29.09
CA ARG C 114 -11.41 12.18 30.52
C ARG C 114 -11.04 10.92 31.31
N ALA C 115 -11.59 9.78 30.92
CA ALA C 115 -11.22 8.50 31.50
C ALA C 115 -9.70 8.22 31.51
N GLY C 116 -9.05 8.47 30.37
CA GLY C 116 -7.63 8.22 30.27
C GLY C 116 -6.78 9.14 31.14
N ILE C 117 -7.14 10.42 31.22
CA ILE C 117 -6.49 11.37 32.14
C ILE C 117 -6.55 10.89 33.59
N GLU C 118 -7.74 10.54 34.04
CA GLU C 118 -7.91 9.99 35.37
C GLU C 118 -7.07 8.71 35.58
N ASP C 119 -7.11 7.80 34.61
CA ASP C 119 -6.31 6.58 34.69
C ASP C 119 -4.84 6.91 34.87
N ILE C 120 -4.35 7.87 34.07
CA ILE C 120 -2.96 8.27 34.13
C ILE C 120 -2.65 8.93 35.48
N HIS C 121 -3.56 9.78 35.92
CA HIS C 121 -3.44 10.43 37.23
C HIS C 121 -3.32 9.39 38.34
N ALA C 122 -4.25 8.45 38.37
CA ALA C 122 -4.21 7.36 39.35
C ALA C 122 -2.91 6.56 39.27
N LEU C 123 -2.47 6.22 38.06
CA LEU C 123 -1.21 5.47 37.90
C LEU C 123 0.00 6.20 38.50
N LEU C 124 0.13 7.49 38.21
CA LEU C 124 1.28 8.27 38.66
C LEU C 124 1.20 8.52 40.16
N GLU C 125 -0.01 8.47 40.71
CA GLU C 125 -0.21 8.69 42.12
C GLU C 125 0.06 7.45 42.96
N CYS C 126 -0.71 6.40 42.72
CA CYS C 126 -0.64 5.21 43.57
C CYS C 126 0.59 4.34 43.28
N GLY C 127 1.52 4.87 42.49
CA GLY C 127 2.87 4.33 42.43
C GLY C 127 3.12 3.15 41.49
N SER C 128 2.11 2.35 41.23
CA SER C 128 2.36 1.02 40.69
C SER C 128 2.11 0.94 39.19
N LEU C 129 3.05 0.34 38.47
CA LEU C 129 3.03 0.34 37.00
C LEU C 129 3.26 -1.06 36.41
N PRO C 130 2.54 -1.38 35.33
CA PRO C 130 2.69 -2.66 34.62
C PRO C 130 3.97 -2.69 33.78
N ASP C 131 4.36 -3.88 33.33
CA ASP C 131 5.48 -4.03 32.41
C ASP C 131 5.17 -3.40 31.05
N TYR C 132 3.91 -3.43 30.65
CA TYR C 132 3.48 -2.85 29.37
C TYR C 132 2.31 -1.92 29.58
N LEU C 133 2.46 -0.70 29.10
CA LEU C 133 1.37 0.27 29.09
C LEU C 133 0.81 0.32 27.68
N VAL C 134 -0.46 -0.07 27.52
CA VAL C 134 -1.10 -0.18 26.21
C VAL C 134 -1.95 1.05 25.89
N LEU C 135 -1.62 1.81 24.84
CA LEU C 135 -2.36 3.06 24.58
C LEU C 135 -3.31 2.88 23.38
N PRO C 136 -4.61 3.00 23.66
CA PRO C 136 -5.58 2.87 22.57
C PRO C 136 -5.51 4.07 21.66
N LYS C 137 -5.92 3.88 20.40
CA LYS C 137 -6.01 4.96 19.46
C LYS C 137 -4.74 5.81 19.37
N THR C 138 -3.59 5.16 19.23
CA THR C 138 -2.35 5.87 19.01
C THR C 138 -2.32 6.48 17.62
N GLU C 139 -2.20 7.81 17.54
CA GLU C 139 -2.39 8.53 16.28
C GLU C 139 -1.22 9.42 15.90
N SER C 140 -0.17 9.44 16.71
CA SER C 140 0.99 10.30 16.43
C SER C 140 2.10 9.83 17.32
N ALA C 141 3.32 10.27 17.03
CA ALA C 141 4.47 9.94 17.85
C ALA C 141 4.39 10.61 19.21
N ALA C 142 3.77 11.79 19.23
CA ALA C 142 3.63 12.57 20.45
C ALA C 142 2.77 11.82 21.46
N HIS C 143 1.82 11.02 20.98
CA HIS C 143 1.03 10.21 21.90
C HIS C 143 1.90 9.35 22.83
N LEU C 144 2.87 8.68 22.22
CA LEU C 144 3.78 7.76 22.89
C LEU C 144 4.82 8.52 23.70
N GLN C 145 5.28 9.65 23.16
CA GLN C 145 6.32 10.43 23.84
C GLN C 145 5.81 11.10 25.12
N ILE C 146 4.55 11.55 25.09
CA ILE C 146 3.87 12.08 26.26
C ILE C 146 3.83 11.05 27.36
N LEU C 147 3.38 9.82 27.04
CA LEU C 147 3.41 8.73 28.02
C LEU C 147 4.82 8.42 28.52
N ASP C 148 5.77 8.32 27.61
CA ASP C 148 7.17 8.10 27.94
C ASP C 148 7.62 9.15 28.99
N ARG C 149 7.44 10.43 28.72
CA ARG C 149 7.86 11.46 29.67
C ARG C 149 7.10 11.36 30.99
N LEU C 150 5.80 11.07 30.92
CA LEU C 150 4.98 10.89 32.10
C LEU C 150 5.48 9.72 32.96
N MSE C 151 5.98 8.69 32.30
CA MSE C 151 6.52 7.50 32.95
C MSE C 151 8.00 7.66 33.35
O MSE C 151 8.58 6.75 33.95
CB MSE C 151 6.36 6.26 32.05
CG MSE C 151 4.92 5.86 31.76
SE MSE C 151 4.01 5.58 33.43
CE MSE C 151 2.23 6.26 33.03
N MSE C 152 8.62 8.79 33.03
CA MSE C 152 10.04 8.99 33.33
C MSE C 152 10.34 8.86 34.81
O MSE C 152 11.38 8.32 35.17
CB MSE C 152 10.50 10.33 32.81
N PHE C 153 9.46 9.38 35.67
CA PHE C 153 9.53 9.04 37.10
C PHE C 153 8.67 7.80 37.39
N ALA C 154 9.06 7.06 38.43
CA ALA C 154 8.56 5.70 38.69
C ALA C 154 8.94 4.74 37.55
N ASP C 157 10.94 1.71 34.06
CA ASP C 157 11.13 0.37 33.50
C ASP C 157 9.90 -0.10 32.72
N THR C 158 8.91 0.77 32.59
CA THR C 158 7.65 0.43 31.94
C THR C 158 7.70 0.67 30.44
N ARG C 159 7.36 -0.35 29.64
CA ARG C 159 7.42 -0.20 28.18
C ARG C 159 6.02 0.05 27.55
N LEU C 160 6.00 0.62 26.36
CA LEU C 160 4.74 1.02 25.73
C LEU C 160 4.30 0.09 24.59
N ILE C 161 2.98 -0.07 24.44
CA ILE C 161 2.40 -0.71 23.28
C ILE C 161 1.35 0.21 22.70
N GLY C 162 1.49 0.56 21.41
CA GLY C 162 0.52 1.41 20.76
C GLY C 162 -0.51 0.64 19.94
N ILE C 163 -1.73 1.14 19.91
CA ILE C 163 -2.71 0.53 19.06
C ILE C 163 -2.98 1.41 17.86
N ILE C 164 -2.83 0.86 16.66
CA ILE C 164 -3.18 1.54 15.42
C ILE C 164 -4.56 1.14 14.99
N GLU C 165 -5.54 1.98 15.30
CA GLU C 165 -6.94 1.64 15.02
C GLU C 165 -7.68 2.69 14.18
N SER C 166 -6.94 3.67 13.69
CA SER C 166 -7.57 4.75 12.94
C SER C 166 -6.76 5.05 11.69
N VAL C 167 -7.42 5.64 10.70
CA VAL C 167 -6.77 6.11 9.49
C VAL C 167 -5.64 7.10 9.81
N ARG C 168 -5.93 8.04 10.69
CA ARG C 168 -4.94 9.00 11.14
C ARG C 168 -3.74 8.28 11.77
N GLY C 169 -3.99 7.27 12.60
CA GLY C 169 -2.90 6.47 13.14
C GLY C 169 -2.09 5.77 12.06
N LEU C 170 -2.79 5.16 11.13
CA LEU C 170 -2.15 4.44 10.05
C LEU C 170 -1.27 5.37 9.20
N ASN C 171 -1.79 6.56 8.91
CA ASN C 171 -1.00 7.50 8.10
C ASN C 171 0.25 7.99 8.76
N ALA C 172 0.30 7.92 10.08
CA ALA C 172 1.47 8.36 10.76
C ALA C 172 2.25 7.14 11.29
N VAL C 173 1.98 5.94 10.76
CA VAL C 173 2.50 4.72 11.40
C VAL C 173 4.03 4.63 11.44
N GLU C 174 4.70 5.15 10.43
CA GLU C 174 6.16 5.17 10.38
C GLU C 174 6.78 6.00 11.52
N SER C 175 6.21 7.17 11.71
CA SER C 175 6.71 8.06 12.74
C SER C 175 6.34 7.55 14.13
N ILE C 176 5.16 6.92 14.24
CA ILE C 176 4.73 6.26 15.48
C ILE C 176 5.69 5.11 15.89
N ALA C 177 6.04 4.25 14.92
CA ALA C 177 6.92 3.09 15.16
C ALA C 177 8.34 3.54 15.58
N ALA C 178 8.68 4.78 15.27
CA ALA C 178 9.98 5.33 15.59
C ALA C 178 9.91 6.30 16.76
N ALA C 179 8.75 6.37 17.44
CA ALA C 179 8.52 7.48 18.38
C ALA C 179 9.43 7.50 19.59
N THR C 180 9.58 6.33 20.21
CA THR C 180 10.39 6.20 21.42
C THR C 180 10.91 4.78 21.62
N PRO C 181 12.10 4.64 22.24
CA PRO C 181 12.71 3.34 22.57
C PRO C 181 11.82 2.50 23.47
N LYS C 182 11.02 3.15 24.30
CA LYS C 182 10.11 2.43 25.18
C LYS C 182 8.98 1.70 24.46
N LEU C 183 8.72 2.09 23.22
CA LEU C 183 7.75 1.40 22.42
C LEU C 183 8.27 0.00 22.15
N ALA C 184 7.48 -1.00 22.49
CA ALA C 184 7.90 -2.40 22.39
C ALA C 184 7.05 -3.16 21.38
N GLY C 185 6.13 -2.48 20.71
CA GLY C 185 5.24 -3.13 19.76
C GLY C 185 3.98 -2.34 19.45
N LEU C 186 3.35 -2.71 18.34
CA LEU C 186 2.08 -2.11 17.92
C LEU C 186 1.03 -3.19 17.67
N ILE C 187 -0.16 -2.95 18.18
CA ILE C 187 -1.31 -3.81 17.94
C ILE C 187 -2.17 -3.23 16.82
N PHE C 188 -2.60 -4.06 15.89
CA PHE C 188 -3.53 -3.65 14.86
C PHE C 188 -4.90 -3.73 15.45
N GLY C 189 -5.68 -2.67 15.27
CA GLY C 189 -7.07 -2.66 15.71
C GLY C 189 -7.97 -2.76 14.48
N ALA C 190 -8.19 -3.98 13.99
CA ALA C 190 -8.93 -4.22 12.74
C ALA C 190 -10.34 -3.64 12.76
N ALA C 191 -11.08 -3.88 13.86
CA ALA C 191 -12.50 -3.51 13.95
C ALA C 191 -12.74 -1.98 13.88
N ASP C 192 -11.97 -1.21 14.64
CA ASP C 192 -12.09 0.24 14.57
C ASP C 192 -11.53 0.81 13.27
N MSE C 193 -10.44 0.24 12.80
CA MSE C 193 -9.86 0.67 11.55
C MSE C 193 -10.87 0.50 10.41
O MSE C 193 -11.05 1.40 9.57
CB MSE C 193 -8.59 -0.13 11.28
CG MSE C 193 -7.94 0.23 9.96
SE MSE C 193 -7.04 1.99 10.11
CE MSE C 193 -5.47 1.41 11.16
N ALA C 194 -11.53 -0.64 10.39
CA ALA C 194 -12.54 -0.97 9.38
C ALA C 194 -13.69 0.04 9.46
N ALA C 195 -14.09 0.34 10.68
CA ALA C 195 -15.18 1.25 10.92
C ALA C 195 -14.80 2.68 10.51
N ASP C 196 -13.55 3.05 10.80
CA ASP C 196 -13.06 4.37 10.47
C ASP C 196 -13.01 4.56 8.96
N ILE C 197 -12.68 3.49 8.24
CA ILE C 197 -12.58 3.56 6.79
C ILE C 197 -13.97 3.40 6.17
N GLY C 198 -14.84 2.68 6.87
CA GLY C 198 -16.12 2.33 6.31
C GLY C 198 -16.07 1.02 5.53
N ALA C 199 -15.04 0.20 5.83
CA ALA C 199 -14.81 -1.07 5.14
C ALA C 199 -15.30 -2.24 6.02
N ALA C 200 -15.36 -3.43 5.44
CA ALA C 200 -15.60 -4.64 6.21
C ALA C 200 -14.33 -5.04 6.98
N SER C 201 -14.51 -5.78 8.08
CA SER C 201 -13.42 -6.28 8.94
C SER C 201 -12.59 -7.39 8.33
N THR C 202 -13.03 -7.91 7.20
CA THR C 202 -12.34 -9.01 6.50
C THR C 202 -10.89 -8.65 6.09
N TRP C 203 -10.07 -9.67 5.90
CA TRP C 203 -8.67 -9.53 5.51
C TRP C 203 -8.35 -8.51 4.41
N GLU C 204 -9.03 -8.63 3.26
CA GLU C 204 -8.66 -7.90 2.03
C GLU C 204 -8.70 -6.39 2.11
N PRO C 205 -9.82 -5.83 2.64
CA PRO C 205 -9.88 -4.37 2.76
C PRO C 205 -8.86 -3.78 3.72
N LEU C 206 -8.31 -4.64 4.57
CA LEU C 206 -7.39 -4.18 5.61
C LEU C 206 -5.93 -4.61 5.35
N ALA C 207 -5.69 -5.34 4.25
CA ALA C 207 -4.35 -5.89 3.93
C ALA C 207 -3.29 -4.78 3.81
N LEU C 208 -3.60 -3.72 3.04
CA LEU C 208 -2.72 -2.53 3.03
C LEU C 208 -2.42 -2.03 4.42
N ALA C 209 -3.47 -1.76 5.18
CA ALA C 209 -3.23 -1.27 6.52
C ALA C 209 -2.28 -2.23 7.26
N ARG C 210 -2.51 -3.54 7.12
CA ARG C 210 -1.71 -4.49 7.87
C ARG C 210 -0.25 -4.50 7.39
N ALA C 211 -0.08 -4.49 6.08
CA ALA C 211 1.24 -4.55 5.49
C ALA C 211 2.05 -3.31 5.85
N ARG C 212 1.38 -2.17 5.86
CA ARG C 212 2.04 -0.95 6.22
C ARG C 212 2.48 -0.95 7.71
N LEU C 213 1.62 -1.54 8.56
CA LEU C 213 1.93 -1.64 9.99
C LEU C 213 3.14 -2.57 10.26
N VAL C 214 3.12 -3.76 9.64
CA VAL C 214 4.22 -4.71 9.82
C VAL C 214 5.55 -4.09 9.38
N SER C 215 5.54 -3.48 8.19
CA SER C 215 6.74 -2.79 7.70
C SER C 215 7.33 -1.70 8.63
N ALA C 216 6.47 -0.83 9.17
CA ALA C 216 6.95 0.22 10.05
C ALA C 216 7.50 -0.45 11.34
N CYS C 217 6.84 -1.47 11.86
CA CYS C 217 7.39 -2.24 13.01
C CYS C 217 8.78 -2.86 12.77
N ALA C 218 8.86 -3.59 11.67
CA ALA C 218 10.06 -4.29 11.29
C ALA C 218 11.23 -3.29 11.12
N MSE C 219 10.94 -2.13 10.56
CA MSE C 219 11.96 -1.08 10.45
C MSE C 219 12.46 -0.54 11.80
O MSE C 219 13.52 0.10 11.85
CB MSE C 219 11.37 0.06 9.63
CG MSE C 219 12.14 1.33 9.66
SE MSE C 219 13.36 1.46 8.18
CE MSE C 219 12.15 2.39 6.94
N ASN C 220 11.75 -0.80 12.88
CA ASN C 220 12.10 -0.18 14.15
C ASN C 220 12.42 -1.26 15.20
N GLY C 221 12.45 -2.51 14.74
CA GLY C 221 12.88 -3.63 15.55
C GLY C 221 11.87 -4.02 16.58
N ILE C 222 10.60 -3.80 16.28
CA ILE C 222 9.55 -4.18 17.22
C ILE C 222 8.54 -5.12 16.56
N PRO C 223 7.87 -5.96 17.36
CA PRO C 223 6.88 -6.87 16.79
C PRO C 223 5.57 -6.16 16.42
N ALA C 224 4.94 -6.64 15.35
CA ALA C 224 3.58 -6.30 15.00
C ALA C 224 2.66 -7.31 15.64
N ILE C 225 1.62 -6.84 16.33
CA ILE C 225 0.66 -7.75 16.96
C ILE C 225 -0.72 -7.67 16.27
N ASP C 226 -1.19 -8.79 15.74
CA ASP C 226 -2.46 -8.79 14.99
C ASP C 226 -3.68 -8.54 15.86
N ALA C 227 -4.72 -7.98 15.25
CA ALA C 227 -6.02 -7.82 15.89
C ALA C 227 -6.57 -9.15 16.42
N PRO C 228 -7.43 -9.06 17.43
CA PRO C 228 -8.17 -10.24 17.89
C PRO C 228 -9.20 -10.69 16.84
N PHE C 229 -9.49 -11.99 16.79
CA PHE C 229 -10.52 -12.51 15.92
C PHE C 229 -11.81 -12.56 16.72
N PHE C 230 -12.87 -12.02 16.13
CA PHE C 230 -14.14 -11.82 16.79
C PHE C 230 -14.90 -13.12 17.10
N ASP C 231 -15.11 -13.95 16.09
CA ASP C 231 -15.92 -15.16 16.25
C ASP C 231 -15.15 -16.22 17.07
N VAL C 232 -15.60 -16.43 18.29
CA VAL C 232 -15.04 -17.46 19.16
C VAL C 232 -15.34 -18.87 18.65
N HIS C 233 -16.44 -19.01 17.91
CA HIS C 233 -16.89 -20.33 17.45
C HIS C 233 -16.24 -20.78 16.14
N ASP C 234 -15.79 -19.80 15.34
CA ASP C 234 -15.13 -20.10 14.07
C ASP C 234 -13.63 -20.30 14.27
N VAL C 235 -13.26 -21.47 14.82
CA VAL C 235 -11.86 -21.84 14.98
C VAL C 235 -11.12 -21.91 13.64
N SER C 236 -11.83 -22.37 12.61
CA SER C 236 -11.30 -22.37 11.26
C SER C 236 -10.85 -20.97 10.83
N GLY C 237 -11.74 -19.99 10.99
CA GLY C 237 -11.44 -18.60 10.67
C GLY C 237 -10.28 -18.04 11.50
N LEU C 238 -10.18 -18.46 12.76
CA LEU C 238 -9.11 -18.05 13.64
C LEU C 238 -7.78 -18.62 13.15
N GLN C 239 -7.75 -19.90 12.81
CA GLN C 239 -6.49 -20.51 12.26
C GLN C 239 -6.08 -19.84 10.94
N SER C 240 -7.02 -19.67 10.03
CA SER C 240 -6.71 -19.03 8.77
C SER C 240 -6.16 -17.61 8.90
N GLU C 241 -6.82 -16.78 9.68
CA GLU C 241 -6.36 -15.41 9.86
C GLU C 241 -4.99 -15.34 10.53
N THR C 242 -4.80 -16.18 11.56
CA THR C 242 -3.55 -16.19 12.30
C THR C 242 -2.38 -16.58 11.37
N LEU C 243 -2.60 -17.59 10.55
CA LEU C 243 -1.63 -17.99 9.55
C LEU C 243 -1.37 -16.86 8.54
N ARG C 244 -2.43 -16.23 8.05
CA ARG C 244 -2.25 -15.08 7.17
C ARG C 244 -1.42 -13.98 7.82
N ALA C 245 -1.69 -13.69 9.10
CA ALA C 245 -0.97 -12.67 9.84
C ALA C 245 0.51 -13.09 9.99
N SER C 246 0.77 -14.35 10.32
CA SER C 246 2.16 -14.83 10.43
C SER C 246 2.93 -14.68 9.12
N ASP C 247 2.29 -15.03 8.01
CA ASP C 247 2.91 -14.90 6.69
C ASP C 247 3.24 -13.45 6.36
N PHE C 248 2.37 -12.54 6.79
CA PHE C 248 2.58 -11.12 6.60
C PHE C 248 3.74 -10.52 7.36
N GLY C 249 4.16 -11.20 8.41
CA GLY C 249 5.23 -10.78 9.30
C GLY C 249 4.82 -10.36 10.72
N PHE C 250 3.53 -10.49 11.05
CA PHE C 250 3.11 -10.43 12.44
C PHE C 250 3.79 -11.55 13.22
N SER C 251 4.23 -11.21 14.43
CA SER C 251 4.97 -12.09 15.29
C SER C 251 4.04 -12.56 16.40
N ALA C 252 2.88 -11.89 16.52
CA ALA C 252 1.99 -12.20 17.63
C ALA C 252 0.56 -11.81 17.29
N LYS C 253 -0.40 -12.24 18.10
CA LYS C 253 -1.81 -11.90 17.87
C LYS C 253 -2.57 -11.75 19.18
N ALA C 254 -3.41 -10.73 19.27
CA ALA C 254 -4.24 -10.52 20.45
C ALA C 254 -5.45 -11.47 20.47
N ALA C 255 -6.15 -11.50 21.61
CA ALA C 255 -7.25 -12.45 21.83
C ALA C 255 -8.24 -11.91 22.84
N ILE C 256 -9.46 -12.40 22.75
CA ILE C 256 -10.50 -11.90 23.63
C ILE C 256 -11.19 -13.03 24.36
N HIS C 257 -10.64 -14.23 24.20
CA HIS C 257 -11.14 -15.41 24.89
C HIS C 257 -10.02 -16.45 24.96
N PRO C 258 -9.81 -17.05 26.15
CA PRO C 258 -8.70 -17.98 26.42
C PRO C 258 -8.69 -19.22 25.50
N ALA C 259 -9.82 -19.56 24.91
CA ALA C 259 -9.91 -20.69 23.98
C ALA C 259 -9.05 -20.49 22.73
N GLN C 260 -8.78 -19.22 22.43
CA GLN C 260 -8.02 -18.83 21.26
C GLN C 260 -6.52 -18.96 21.52
N ILE C 261 -6.14 -19.03 22.80
CA ILE C 261 -4.72 -18.91 23.16
C ILE C 261 -3.82 -20.02 22.62
N SER C 262 -4.28 -21.27 22.77
CA SER C 262 -3.48 -22.40 22.38
C SER C 262 -3.33 -22.38 20.86
N THR C 263 -4.41 -22.06 20.16
CA THR C 263 -4.38 -21.92 18.70
C THR C 263 -3.37 -20.87 18.27
N ILE C 264 -3.41 -19.72 18.93
CA ILE C 264 -2.52 -18.61 18.57
C ILE C 264 -1.07 -18.96 18.92
N ASN C 265 -0.87 -19.52 20.12
CA ASN C 265 0.45 -19.98 20.51
C ASN C 265 1.05 -20.99 19.53
N THR C 266 0.27 -22.00 19.19
CA THR C 266 0.73 -23.05 18.29
C THR C 266 1.11 -22.49 16.92
N LEU C 267 0.25 -21.66 16.35
CA LEU C 267 0.47 -21.17 14.99
C LEU C 267 1.66 -20.21 14.90
N PHE C 268 2.01 -19.57 16.00
CA PHE C 268 3.17 -18.68 15.99
C PHE C 268 4.41 -19.39 16.55
N THR C 269 4.33 -20.71 16.70
CA THR C 269 5.45 -21.47 17.18
C THR C 269 6.05 -22.25 16.01
N PRO C 270 7.36 -22.08 15.76
CA PRO C 270 7.96 -22.77 14.60
C PRO C 270 7.82 -24.29 14.71
N THR C 271 7.69 -24.98 13.59
CA THR C 271 7.58 -26.44 13.61
C THR C 271 8.96 -27.08 13.65
N ALA C 272 9.03 -28.32 14.14
CA ALA C 272 10.26 -29.09 14.12
C ALA C 272 10.81 -29.12 12.69
N ALA C 273 9.93 -29.26 11.71
CA ALA C 273 10.28 -29.18 10.29
C ALA C 273 10.96 -27.85 9.92
N GLU C 274 10.36 -26.74 10.35
CA GLU C 274 10.96 -25.43 10.12
C GLU C 274 12.32 -25.26 10.80
N ILE C 275 12.39 -25.63 12.08
CA ILE C 275 13.62 -25.46 12.85
C ILE C 275 14.79 -26.22 12.23
N ARG C 276 14.50 -27.39 11.66
CA ARG C 276 15.49 -28.15 10.89
C ARG C 276 15.85 -27.41 9.59
#